data_1K29
# 
_entry.id   1K29 
# 
_audit_conform.dict_name       mmcif_pdbx.dic 
_audit_conform.dict_version    5.392 
_audit_conform.dict_location   http://mmcif.pdb.org/dictionaries/ascii/mmcif_pdbx.dic 
# 
loop_
_database_2.database_id 
_database_2.database_code 
_database_2.pdbx_database_accession 
_database_2.pdbx_DOI 
PDB   1K29         pdb_00001k29 10.2210/pdb1k29/pdb 
RCSB  RCSB014469   ?            ?                   
WWPDB D_1000014469 ?            ?                   
# 
loop_
_pdbx_audit_revision_history.ordinal 
_pdbx_audit_revision_history.data_content_type 
_pdbx_audit_revision_history.major_revision 
_pdbx_audit_revision_history.minor_revision 
_pdbx_audit_revision_history.revision_date 
1 'Structure model' 1 0 2002-01-16 
2 'Structure model' 1 1 2008-04-27 
3 'Structure model' 1 2 2011-07-13 
4 'Structure model' 1 3 2022-02-23 
5 'Structure model' 1 4 2024-05-22 
# 
_pdbx_audit_revision_details.ordinal             1 
_pdbx_audit_revision_details.revision_ordinal    1 
_pdbx_audit_revision_details.data_content_type   'Structure model' 
_pdbx_audit_revision_details.provider            repository 
_pdbx_audit_revision_details.type                'Initial release' 
_pdbx_audit_revision_details.description         ? 
_pdbx_audit_revision_details.details             ? 
# 
loop_
_pdbx_audit_revision_group.ordinal 
_pdbx_audit_revision_group.revision_ordinal 
_pdbx_audit_revision_group.data_content_type 
_pdbx_audit_revision_group.group 
1 2 'Structure model' 'Version format compliance' 
2 3 'Structure model' 'Version format compliance' 
3 4 'Structure model' 'Data collection'           
4 4 'Structure model' 'Database references'       
5 4 'Structure model' 'Derived calculations'      
6 5 'Structure model' 'Data collection'           
# 
loop_
_pdbx_audit_revision_category.ordinal 
_pdbx_audit_revision_category.revision_ordinal 
_pdbx_audit_revision_category.data_content_type 
_pdbx_audit_revision_category.category 
1 4 'Structure model' database_2            
2 4 'Structure model' pdbx_nmr_software     
3 4 'Structure model' pdbx_nmr_spectrometer 
4 4 'Structure model' pdbx_struct_assembly  
5 4 'Structure model' pdbx_struct_oper_list 
6 4 'Structure model' struct_conn           
7 5 'Structure model' chem_comp_atom        
8 5 'Structure model' chem_comp_bond        
# 
loop_
_pdbx_audit_revision_item.ordinal 
_pdbx_audit_revision_item.revision_ordinal 
_pdbx_audit_revision_item.data_content_type 
_pdbx_audit_revision_item.item 
1 4 'Structure model' '_database_2.pdbx_DOI'                
2 4 'Structure model' '_database_2.pdbx_database_accession' 
3 4 'Structure model' '_pdbx_nmr_software.name'             
4 4 'Structure model' '_pdbx_nmr_spectrometer.model'        
5 4 'Structure model' '_struct_conn.pdbx_leaving_atom_flag' 
# 
_pdbx_database_status.status_code                     REL 
_pdbx_database_status.entry_id                        1K29 
_pdbx_database_status.recvd_initial_deposition_date   2001-09-26 
_pdbx_database_status.deposit_site                    RCSB 
_pdbx_database_status.process_site                    RCSB 
_pdbx_database_status.SG_entry                        . 
_pdbx_database_status.pdb_format_compatible           Y 
_pdbx_database_status.status_code_mr                  ? 
_pdbx_database_status.status_code_sf                  ? 
_pdbx_database_status.status_code_cs                  ? 
_pdbx_database_status.status_code_nmr_data            ? 
_pdbx_database_status.methods_development_category    ? 
# 
loop_
_audit_author.name 
_audit_author.pdbx_ordinal 
'Schnetz-Boutaud, N.C.' 1 
'Saleh, S.'             2 
'Marnett, L.J.'         3 
'Stone, M.P.'           4 
# 
_citation.id                        primary 
_citation.title                     
;The exocyclic 1,N2-deoxyguanosine pyrimidopurinone M1G is a chemically stable DNA adduct when placed opposite a two-base deletion in the (CpG)3 frameshift hotspot of the Salmonella typhimurium hisD3052 gene.
;
_citation.journal_abbrev            Biochemistry 
_citation.journal_volume            40 
_citation.page_first                15638 
_citation.page_last                 15649 
_citation.year                      2001 
_citation.journal_id_ASTM           BICHAW 
_citation.country                   US 
_citation.journal_id_ISSN           0006-2960 
_citation.journal_id_CSD            0033 
_citation.book_publisher            ? 
_citation.pdbx_database_id_PubMed   11747439 
_citation.pdbx_database_id_DOI      10.1021/bi011242u 
# 
loop_
_citation_author.citation_id 
_citation_author.name 
_citation_author.ordinal 
_citation_author.identifier_ORCID 
primary 'Schnetz-Boutaud, N.C.' 1 ? 
primary 'Saleh, S.'             2 ? 
primary 'Marnett, L.J.'         3 ? 
primary 'Stone, M.P.'           4 ? 
# 
loop_
_entity.id 
_entity.type 
_entity.src_method 
_entity.pdbx_description 
_entity.formula_weight 
_entity.pdbx_number_of_molecules 
_entity.pdbx_ec 
_entity.pdbx_mutation 
_entity.pdbx_fragment 
_entity.details 
1 polymer syn "5'-D(*AP*TP*CP*GP*CP*(M1G)P*CP*GP*GP*CP*AP*TP*G)-3'" 4028.630 1 ? ? ? ? 
2 polymer syn "5'-D(*CP*AP*TP*GP*CP*CP*GP*CP*GP*AP*T)-3'"           3334.186 1 ? ? ? ? 
# 
loop_
_entity_poly.entity_id 
_entity_poly.type 
_entity_poly.nstd_linkage 
_entity_poly.nstd_monomer 
_entity_poly.pdbx_seq_one_letter_code 
_entity_poly.pdbx_seq_one_letter_code_can 
_entity_poly.pdbx_strand_id 
_entity_poly.pdbx_target_identifier 
1 polydeoxyribonucleotide no yes '(DA)(DT)(DC)(DG)(DC)(M1G)(DC)(DG)(DG)(DC)(DA)(DT)(DG)' ATCGCGCGGCATG A ? 
2 polydeoxyribonucleotide no no  '(DC)(DA)(DT)(DG)(DC)(DC)(DG)(DC)(DG)(DA)(DT)'          CATGCCGCGAT   B ? 
# 
loop_
_entity_poly_seq.entity_id 
_entity_poly_seq.num 
_entity_poly_seq.mon_id 
_entity_poly_seq.hetero 
1 1  DA  n 
1 2  DT  n 
1 3  DC  n 
1 4  DG  n 
1 5  DC  n 
1 6  M1G n 
1 7  DC  n 
1 8  DG  n 
1 9  DG  n 
1 10 DC  n 
1 11 DA  n 
1 12 DT  n 
1 13 DG  n 
2 1  DC  n 
2 2  DA  n 
2 3  DT  n 
2 4  DG  n 
2 5  DC  n 
2 6  DC  n 
2 7  DG  n 
2 8  DC  n 
2 9  DG  n 
2 10 DA  n 
2 11 DT  n 
# 
loop_
_pdbx_entity_src_syn.entity_id 
_pdbx_entity_src_syn.pdbx_src_id 
_pdbx_entity_src_syn.pdbx_alt_source_flag 
_pdbx_entity_src_syn.pdbx_beg_seq_num 
_pdbx_entity_src_syn.pdbx_end_seq_num 
_pdbx_entity_src_syn.organism_scientific 
_pdbx_entity_src_syn.organism_common_name 
_pdbx_entity_src_syn.ncbi_taxonomy_id 
_pdbx_entity_src_syn.details 
1 1 sample ? ? ? ? ? 'THIS SEQUENCE occurs naturally in THE SALMONELLA TYPHIMURIUM HIS3052 GENE' 
2 1 sample ? ? ? ? ? 'THIS SEQUENCE occurs naturally in THE SALMONELLA TYPHIMURIUM HIS3052 GENE' 
# 
loop_
_chem_comp.id 
_chem_comp.type 
_chem_comp.mon_nstd_flag 
_chem_comp.name 
_chem_comp.pdbx_synonyms 
_chem_comp.formula 
_chem_comp.formula_weight 
DA  'DNA linking' y "2'-DEOXYADENOSINE-5'-MONOPHOSPHATE"                                            ? 'C10 H14 N5 O6 P' 331.222 
DC  'DNA linking' y "2'-DEOXYCYTIDINE-5'-MONOPHOSPHATE"                                             ? 'C9 H14 N3 O7 P'  307.197 
DG  'DNA linking' y "2'-DEOXYGUANOSINE-5'-MONOPHOSPHATE"                                            ? 'C10 H14 N5 O7 P' 347.221 
DT  'DNA linking' y "THYMIDINE-5'-MONOPHOSPHATE"                                                    ? 'C10 H15 N2 O8 P' 322.208 
M1G 'DNA linking' n "3-(2-DEOXY-BETA-D-RIBOFURANOSYL)-PYRIDO[5,6-A]-PURINE-10-ONE-5'-MONOPHOSPHATE" ? 'C13 H14 N5 O7 P' 383.253 
# 
loop_
_pdbx_poly_seq_scheme.asym_id 
_pdbx_poly_seq_scheme.entity_id 
_pdbx_poly_seq_scheme.seq_id 
_pdbx_poly_seq_scheme.mon_id 
_pdbx_poly_seq_scheme.ndb_seq_num 
_pdbx_poly_seq_scheme.pdb_seq_num 
_pdbx_poly_seq_scheme.auth_seq_num 
_pdbx_poly_seq_scheme.pdb_mon_id 
_pdbx_poly_seq_scheme.auth_mon_id 
_pdbx_poly_seq_scheme.pdb_strand_id 
_pdbx_poly_seq_scheme.pdb_ins_code 
_pdbx_poly_seq_scheme.hetero 
A 1 1  DA  1  1  1  DA  A   A . n 
A 1 2  DT  2  2  2  DT  T   A . n 
A 1 3  DC  3  3  3  DC  C   A . n 
A 1 4  DG  4  4  4  DG  G   A . n 
A 1 5  DC  5  5  5  DC  C   A . n 
A 1 6  M1G 6  6  6  M1G M1G A . n 
A 1 7  DC  7  7  7  DC  C   A . n 
A 1 8  DG  8  8  8  DG  G   A . n 
A 1 9  DG  9  9  9  DG  G   A . n 
A 1 10 DC  10 10 10 DC  C   A . n 
A 1 11 DA  11 11 11 DA  A   A . n 
A 1 12 DT  12 12 12 DT  T   A . n 
A 1 13 DG  13 13 13 DG  G   A . n 
B 2 1  DC  1  14 14 DC  C   B . n 
B 2 2  DA  2  15 15 DA  A   B . n 
B 2 3  DT  3  16 16 DT  T   B . n 
B 2 4  DG  4  17 17 DG  G   B . n 
B 2 5  DC  5  18 18 DC  C   B . n 
B 2 6  DC  6  19 19 DC  C   B . n 
B 2 7  DG  7  20 20 DG  G   B . n 
B 2 8  DC  8  21 21 DC  C   B . n 
B 2 9  DG  9  22 22 DG  G   B . n 
B 2 10 DA  10 23 23 DA  A   B . n 
B 2 11 DT  11 24 24 DT  T   B . n 
# 
_exptl.entry_id          1K29 
_exptl.method            'SOLUTION NMR' 
_exptl.crystals_number   ? 
# 
_exptl_crystal.id                    1 
_exptl_crystal.density_meas          ? 
_exptl_crystal.density_Matthews      ? 
_exptl_crystal.density_percent_sol   ? 
_exptl_crystal.description           ? 
# 
_diffrn.id                     1 
_diffrn.ambient_temp           ? 
_diffrn.ambient_temp_details   ? 
_diffrn.crystal_id             1 
# 
_diffrn_radiation.diffrn_id                        1 
_diffrn_radiation.wavelength_id                    1 
_diffrn_radiation.pdbx_monochromatic_or_laue_m_l   M 
_diffrn_radiation.monochromator                    ? 
_diffrn_radiation.pdbx_diffrn_protocol             'SINGLE WAVELENGTH' 
_diffrn_radiation.pdbx_scattering_type             ? 
# 
_diffrn_radiation_wavelength.id           1 
_diffrn_radiation_wavelength.wavelength   . 
_diffrn_radiation_wavelength.wt           1.0 
# 
_struct.entry_id                  1K29 
_struct.title                     'Solution Structure of a DNA Duplex Containing M1G Opposite a 2 Base Pair Deletion' 
_struct.pdbx_model_details        ? 
_struct.pdbx_CASP_flag            ? 
_struct.pdbx_model_type_details   'minimized average' 
# 
_struct_keywords.entry_id        1K29 
_struct_keywords.pdbx_keywords   DNA 
_struct_keywords.text            'two base deletion, DNA adduct, malondialdehyde, DNA' 
# 
loop_
_struct_asym.id 
_struct_asym.pdbx_blank_PDB_chainid_flag 
_struct_asym.pdbx_modified 
_struct_asym.entity_id 
_struct_asym.details 
A N N 1 ? 
B N N 2 ? 
# 
loop_
_struct_ref.id 
_struct_ref.entity_id 
_struct_ref.db_name 
_struct_ref.db_code 
_struct_ref.pdbx_db_accession 
_struct_ref.pdbx_db_isoform 
_struct_ref.pdbx_seq_one_letter_code 
_struct_ref.pdbx_align_begin 
1 1 PDB 1K29 1K29 ? ? ? 
2 2 PDB 1K29 1K29 ? ? ? 
# 
loop_
_struct_ref_seq.align_id 
_struct_ref_seq.ref_id 
_struct_ref_seq.pdbx_PDB_id_code 
_struct_ref_seq.pdbx_strand_id 
_struct_ref_seq.seq_align_beg 
_struct_ref_seq.pdbx_seq_align_beg_ins_code 
_struct_ref_seq.seq_align_end 
_struct_ref_seq.pdbx_seq_align_end_ins_code 
_struct_ref_seq.pdbx_db_accession 
_struct_ref_seq.db_align_beg 
_struct_ref_seq.pdbx_db_align_beg_ins_code 
_struct_ref_seq.db_align_end 
_struct_ref_seq.pdbx_db_align_end_ins_code 
_struct_ref_seq.pdbx_auth_seq_align_beg 
_struct_ref_seq.pdbx_auth_seq_align_end 
1 1 1K29 A 1 ? 13 ? 1K29 1  ? 13 ? 1  13 
2 2 1K29 B 1 ? 11 ? 1K29 14 ? 24 ? 14 24 
# 
_pdbx_struct_assembly.id                   1 
_pdbx_struct_assembly.details              author_defined_assembly 
_pdbx_struct_assembly.method_details       ? 
_pdbx_struct_assembly.oligomeric_details   dimeric 
_pdbx_struct_assembly.oligomeric_count     2 
# 
_pdbx_struct_assembly_gen.assembly_id       1 
_pdbx_struct_assembly_gen.oper_expression   1 
_pdbx_struct_assembly_gen.asym_id_list      A,B 
# 
_pdbx_struct_oper_list.id                   1 
_pdbx_struct_oper_list.type                 'identity operation' 
_pdbx_struct_oper_list.name                 1_555 
_pdbx_struct_oper_list.symmetry_operation   x,y,z 
_pdbx_struct_oper_list.matrix[1][1]         1.0000000000 
_pdbx_struct_oper_list.matrix[1][2]         0.0000000000 
_pdbx_struct_oper_list.matrix[1][3]         0.0000000000 
_pdbx_struct_oper_list.vector[1]            0.0000000000 
_pdbx_struct_oper_list.matrix[2][1]         0.0000000000 
_pdbx_struct_oper_list.matrix[2][2]         1.0000000000 
_pdbx_struct_oper_list.matrix[2][3]         0.0000000000 
_pdbx_struct_oper_list.vector[2]            0.0000000000 
_pdbx_struct_oper_list.matrix[3][1]         0.0000000000 
_pdbx_struct_oper_list.matrix[3][2]         0.0000000000 
_pdbx_struct_oper_list.matrix[3][3]         1.0000000000 
_pdbx_struct_oper_list.vector[3]            0.0000000000 
# 
_struct_biol.id   1 
# 
loop_
_struct_conn.id 
_struct_conn.conn_type_id 
_struct_conn.pdbx_leaving_atom_flag 
_struct_conn.pdbx_PDB_id 
_struct_conn.ptnr1_label_asym_id 
_struct_conn.ptnr1_label_comp_id 
_struct_conn.ptnr1_label_seq_id 
_struct_conn.ptnr1_label_atom_id 
_struct_conn.pdbx_ptnr1_label_alt_id 
_struct_conn.pdbx_ptnr1_PDB_ins_code 
_struct_conn.pdbx_ptnr1_standard_comp_id 
_struct_conn.ptnr1_symmetry 
_struct_conn.ptnr2_label_asym_id 
_struct_conn.ptnr2_label_comp_id 
_struct_conn.ptnr2_label_seq_id 
_struct_conn.ptnr2_label_atom_id 
_struct_conn.pdbx_ptnr2_label_alt_id 
_struct_conn.pdbx_ptnr2_PDB_ins_code 
_struct_conn.ptnr1_auth_asym_id 
_struct_conn.ptnr1_auth_comp_id 
_struct_conn.ptnr1_auth_seq_id 
_struct_conn.ptnr2_auth_asym_id 
_struct_conn.ptnr2_auth_comp_id 
_struct_conn.ptnr2_auth_seq_id 
_struct_conn.ptnr2_symmetry 
_struct_conn.pdbx_ptnr3_label_atom_id 
_struct_conn.pdbx_ptnr3_label_seq_id 
_struct_conn.pdbx_ptnr3_label_comp_id 
_struct_conn.pdbx_ptnr3_label_asym_id 
_struct_conn.pdbx_ptnr3_label_alt_id 
_struct_conn.pdbx_ptnr3_PDB_ins_code 
_struct_conn.details 
_struct_conn.pdbx_dist_value 
_struct_conn.pdbx_value_order 
_struct_conn.pdbx_role 
covale1  covale both ? A DC  5  "O3'" ? ? ? 1_555 A M1G 6  P  ? ? A DC  5  A M1G 6  1_555 ? ? ? ? ? ? ?               1.606 ? ? 
covale2  covale both ? A M1G 6  "O3'" ? ? ? 1_555 A DC  7  P  ? ? A M1G 6  A DC  7  1_555 ? ? ? ? ? ? ?               1.618 ? ? 
hydrog1  hydrog ?    ? A DA  1  N1    ? ? ? 1_555 B DA  10 N6 ? ? A DA  1  B DA  23 1_555 ? ? ? ? ? ? 'DA-DA MISPAIR' ?     ? ? 
hydrog2  hydrog ?    ? A DA  1  N1    ? ? ? 1_555 B DT  11 N3 ? ? A DA  1  B DT  24 1_555 ? ? ? ? ? ? WATSON-CRICK    ?     ? ? 
hydrog3  hydrog ?    ? A DA  1  N6    ? ? ? 1_555 B DT  11 O4 ? ? A DA  1  B DT  24 1_555 ? ? ? ? ? ? WATSON-CRICK    ?     ? ? 
hydrog4  hydrog ?    ? A DT  2  N3    ? ? ? 1_555 B DA  10 N1 ? ? A DT  2  B DA  23 1_555 ? ? ? ? ? ? WATSON-CRICK    ?     ? ? 
hydrog5  hydrog ?    ? A DT  2  O4    ? ? ? 1_555 B DA  10 N6 ? ? A DT  2  B DA  23 1_555 ? ? ? ? ? ? WATSON-CRICK    ?     ? ? 
hydrog6  hydrog ?    ? A DC  3  N3    ? ? ? 1_555 B DG  9  N1 ? ? A DC  3  B DG  22 1_555 ? ? ? ? ? ? WATSON-CRICK    ?     ? ? 
hydrog7  hydrog ?    ? A DC  3  N4    ? ? ? 1_555 B DG  9  O6 ? ? A DC  3  B DG  22 1_555 ? ? ? ? ? ? WATSON-CRICK    ?     ? ? 
hydrog8  hydrog ?    ? A DC  3  O2    ? ? ? 1_555 B DG  9  N2 ? ? A DC  3  B DG  22 1_555 ? ? ? ? ? ? WATSON-CRICK    ?     ? ? 
hydrog9  hydrog ?    ? A DG  4  N1    ? ? ? 1_555 B DC  8  N3 ? ? A DG  4  B DC  21 1_555 ? ? ? ? ? ? WATSON-CRICK    ?     ? ? 
hydrog10 hydrog ?    ? A DG  4  N2    ? ? ? 1_555 B DC  8  O2 ? ? A DG  4  B DC  21 1_555 ? ? ? ? ? ? WATSON-CRICK    ?     ? ? 
hydrog11 hydrog ?    ? A DG  4  O6    ? ? ? 1_555 B DC  8  N4 ? ? A DG  4  B DC  21 1_555 ? ? ? ? ? ? WATSON-CRICK    ?     ? ? 
hydrog12 hydrog ?    ? A DC  5  N3    ? ? ? 1_555 B DG  7  N1 ? ? A DC  5  B DG  20 1_555 ? ? ? ? ? ? WATSON-CRICK    ?     ? ? 
hydrog13 hydrog ?    ? A DC  5  N4    ? ? ? 1_555 B DG  7  O6 ? ? A DC  5  B DG  20 1_555 ? ? ? ? ? ? WATSON-CRICK    ?     ? ? 
hydrog14 hydrog ?    ? A DC  5  O2    ? ? ? 1_555 B DG  7  N2 ? ? A DC  5  B DG  20 1_555 ? ? ? ? ? ? WATSON-CRICK    ?     ? ? 
hydrog15 hydrog ?    ? A DG  8  N1    ? ? ? 1_555 B DC  6  N3 ? ? A DG  8  B DC  19 1_555 ? ? ? ? ? ? WATSON-CRICK    ?     ? ? 
hydrog16 hydrog ?    ? A DG  8  N2    ? ? ? 1_555 B DC  6  O2 ? ? A DG  8  B DC  19 1_555 ? ? ? ? ? ? WATSON-CRICK    ?     ? ? 
hydrog17 hydrog ?    ? A DG  8  O6    ? ? ? 1_555 B DC  6  N4 ? ? A DG  8  B DC  19 1_555 ? ? ? ? ? ? WATSON-CRICK    ?     ? ? 
hydrog18 hydrog ?    ? A DG  9  N1    ? ? ? 1_555 B DC  5  N3 ? ? A DG  9  B DC  18 1_555 ? ? ? ? ? ? WATSON-CRICK    ?     ? ? 
hydrog19 hydrog ?    ? A DG  9  N2    ? ? ? 1_555 B DC  5  O2 ? ? A DG  9  B DC  18 1_555 ? ? ? ? ? ? WATSON-CRICK    ?     ? ? 
hydrog20 hydrog ?    ? A DG  9  O6    ? ? ? 1_555 B DC  5  N4 ? ? A DG  9  B DC  18 1_555 ? ? ? ? ? ? WATSON-CRICK    ?     ? ? 
hydrog21 hydrog ?    ? A DC  10 N3    ? ? ? 1_555 B DG  4  N1 ? ? A DC  10 B DG  17 1_555 ? ? ? ? ? ? WATSON-CRICK    ?     ? ? 
hydrog22 hydrog ?    ? A DC  10 N4    ? ? ? 1_555 B DG  4  O6 ? ? A DC  10 B DG  17 1_555 ? ? ? ? ? ? WATSON-CRICK    ?     ? ? 
hydrog23 hydrog ?    ? A DC  10 O2    ? ? ? 1_555 B DG  4  N2 ? ? A DC  10 B DG  17 1_555 ? ? ? ? ? ? WATSON-CRICK    ?     ? ? 
hydrog24 hydrog ?    ? A DA  11 N1    ? ? ? 1_555 B DT  3  N3 ? ? A DA  11 B DT  16 1_555 ? ? ? ? ? ? WATSON-CRICK    ?     ? ? 
hydrog25 hydrog ?    ? A DA  11 N6    ? ? ? 1_555 B DT  3  O4 ? ? A DA  11 B DT  16 1_555 ? ? ? ? ? ? WATSON-CRICK    ?     ? ? 
hydrog26 hydrog ?    ? A DT  12 N3    ? ? ? 1_555 B DA  2  N1 ? ? A DT  12 B DA  15 1_555 ? ? ? ? ? ? WATSON-CRICK    ?     ? ? 
hydrog27 hydrog ?    ? A DT  12 O4    ? ? ? 1_555 B DA  2  N6 ? ? A DT  12 B DA  15 1_555 ? ? ? ? ? ? WATSON-CRICK    ?     ? ? 
hydrog28 hydrog ?    ? A DG  13 N1    ? ? ? 1_555 B DC  1  N3 ? ? A DG  13 B DC  14 1_555 ? ? ? ? ? ? WATSON-CRICK    ?     ? ? 
hydrog29 hydrog ?    ? A DG  13 N2    ? ? ? 1_555 B DC  1  O2 ? ? A DG  13 B DC  14 1_555 ? ? ? ? ? ? WATSON-CRICK    ?     ? ? 
hydrog30 hydrog ?    ? A DG  13 O6    ? ? ? 1_555 B DC  1  N4 ? ? A DG  13 B DC  14 1_555 ? ? ? ? ? ? WATSON-CRICK    ?     ? ? 
# 
loop_
_struct_conn_type.id 
_struct_conn_type.criteria 
_struct_conn_type.reference 
covale ? ? 
hydrog ? ? 
# 
loop_
_pdbx_validate_rmsd_bond.id 
_pdbx_validate_rmsd_bond.PDB_model_num 
_pdbx_validate_rmsd_bond.auth_atom_id_1 
_pdbx_validate_rmsd_bond.auth_asym_id_1 
_pdbx_validate_rmsd_bond.auth_comp_id_1 
_pdbx_validate_rmsd_bond.auth_seq_id_1 
_pdbx_validate_rmsd_bond.PDB_ins_code_1 
_pdbx_validate_rmsd_bond.label_alt_id_1 
_pdbx_validate_rmsd_bond.auth_atom_id_2 
_pdbx_validate_rmsd_bond.auth_asym_id_2 
_pdbx_validate_rmsd_bond.auth_comp_id_2 
_pdbx_validate_rmsd_bond.auth_seq_id_2 
_pdbx_validate_rmsd_bond.PDB_ins_code_2 
_pdbx_validate_rmsd_bond.label_alt_id_2 
_pdbx_validate_rmsd_bond.bond_value 
_pdbx_validate_rmsd_bond.bond_target_value 
_pdbx_validate_rmsd_bond.bond_deviation 
_pdbx_validate_rmsd_bond.bond_standard_deviation 
_pdbx_validate_rmsd_bond.linker_flag 
1 1 C4 A DC 3  ? ? C5 A DC 3  ? ? 1.370 1.425 -0.055 0.008 N 
2 1 C4 A DC 5  ? ? C5 A DC 5  ? ? 1.366 1.425 -0.059 0.008 N 
3 1 C4 A DC 7  ? ? C5 A DC 7  ? ? 1.368 1.425 -0.057 0.008 N 
4 1 C4 A DC 10 ? ? C5 A DC 10 ? ? 1.369 1.425 -0.056 0.008 N 
5 1 C4 B DC 14 ? ? C5 B DC 14 ? ? 1.371 1.425 -0.054 0.008 N 
6 1 C4 B DC 18 ? ? C5 B DC 18 ? ? 1.371 1.425 -0.054 0.008 N 
7 1 C4 B DC 19 ? ? C5 B DC 19 ? ? 1.371 1.425 -0.054 0.008 N 
8 1 C4 B DC 21 ? ? C5 B DC 21 ? ? 1.370 1.425 -0.055 0.008 N 
# 
loop_
_pdbx_validate_rmsd_angle.id 
_pdbx_validate_rmsd_angle.PDB_model_num 
_pdbx_validate_rmsd_angle.auth_atom_id_1 
_pdbx_validate_rmsd_angle.auth_asym_id_1 
_pdbx_validate_rmsd_angle.auth_comp_id_1 
_pdbx_validate_rmsd_angle.auth_seq_id_1 
_pdbx_validate_rmsd_angle.PDB_ins_code_1 
_pdbx_validate_rmsd_angle.label_alt_id_1 
_pdbx_validate_rmsd_angle.auth_atom_id_2 
_pdbx_validate_rmsd_angle.auth_asym_id_2 
_pdbx_validate_rmsd_angle.auth_comp_id_2 
_pdbx_validate_rmsd_angle.auth_seq_id_2 
_pdbx_validate_rmsd_angle.PDB_ins_code_2 
_pdbx_validate_rmsd_angle.label_alt_id_2 
_pdbx_validate_rmsd_angle.auth_atom_id_3 
_pdbx_validate_rmsd_angle.auth_asym_id_3 
_pdbx_validate_rmsd_angle.auth_comp_id_3 
_pdbx_validate_rmsd_angle.auth_seq_id_3 
_pdbx_validate_rmsd_angle.PDB_ins_code_3 
_pdbx_validate_rmsd_angle.label_alt_id_3 
_pdbx_validate_rmsd_angle.angle_value 
_pdbx_validate_rmsd_angle.angle_target_value 
_pdbx_validate_rmsd_angle.angle_deviation 
_pdbx_validate_rmsd_angle.angle_standard_deviation 
_pdbx_validate_rmsd_angle.linker_flag 
1  1 "O4'" A DA 1  ? ? "C1'" A DA 1  ? ? N9 A DA 1  ? ? 111.07 108.30 2.77  0.30 N 
2  1 N7    A DA 1  ? ? C8    A DA 1  ? ? N9 A DA 1  ? ? 117.47 113.80 3.67  0.50 N 
3  1 "O4'" A DT 2  ? ? "C1'" A DT 2  ? ? N1 A DT 2  ? ? 112.64 108.30 4.34  0.30 N 
4  1 C4    A DT 2  ? ? C5    A DT 2  ? ? C6 A DT 2  ? ? 122.20 118.00 4.20  0.60 N 
5  1 C6    A DT 2  ? ? C5    A DT 2  ? ? C7 A DT 2  ? ? 118.39 122.90 -4.51 0.60 N 
6  1 "O4'" A DC 3  ? ? "C1'" A DC 3  ? ? N1 A DC 3  ? ? 112.24 108.30 3.94  0.30 N 
7  1 "O4'" A DG 4  ? ? "C1'" A DG 4  ? ? N9 A DG 4  ? ? 112.09 108.30 3.79  0.30 N 
8  1 N7    A DG 4  ? ? C8    A DG 4  ? ? N9 A DG 4  ? ? 117.89 113.10 4.79  0.50 N 
9  1 C8    A DG 4  ? ? N9    A DG 4  ? ? C4 A DG 4  ? ? 103.91 106.40 -2.49 0.40 N 
10 1 "O4'" A DC 5  ? ? "C1'" A DC 5  ? ? N1 A DC 5  ? ? 111.37 108.30 3.07  0.30 N 
11 1 "O4'" A DC 7  ? ? "C1'" A DC 7  ? ? N1 A DC 7  ? ? 111.84 108.30 3.54  0.30 N 
12 1 "O4'" A DG 8  ? ? "C1'" A DG 8  ? ? N9 A DG 8  ? ? 112.02 108.30 3.72  0.30 N 
13 1 N7    A DG 8  ? ? C8    A DG 8  ? ? N9 A DG 8  ? ? 117.55 113.10 4.45  0.50 N 
14 1 C8    A DG 8  ? ? N9    A DG 8  ? ? C4 A DG 8  ? ? 103.56 106.40 -2.84 0.40 N 
15 1 "O4'" A DG 9  ? ? "C1'" A DG 9  ? ? N9 A DG 9  ? ? 111.75 108.30 3.45  0.30 N 
16 1 N7    A DG 9  ? ? C8    A DG 9  ? ? N9 A DG 9  ? ? 117.56 113.10 4.46  0.50 N 
17 1 C8    A DG 9  ? ? N9    A DG 9  ? ? C4 A DG 9  ? ? 103.82 106.40 -2.58 0.40 N 
18 1 "O4'" A DC 10 ? ? "C1'" A DC 10 ? ? N1 A DC 10 ? ? 111.91 108.30 3.61  0.30 N 
19 1 "O4'" A DA 11 ? ? "C1'" A DA 11 ? ? N9 A DA 11 ? ? 111.40 108.30 3.10  0.30 N 
20 1 N7    A DA 11 ? ? C8    A DA 11 ? ? N9 A DA 11 ? ? 117.60 113.80 3.80  0.50 N 
21 1 "O4'" A DT 12 ? ? "C1'" A DT 12 ? ? N1 A DT 12 ? ? 111.01 108.30 2.71  0.30 N 
22 1 C4    A DT 12 ? ? C5    A DT 12 ? ? C6 A DT 12 ? ? 121.86 118.00 3.86  0.60 N 
23 1 C6    A DT 12 ? ? C5    A DT 12 ? ? C7 A DT 12 ? ? 117.77 122.90 -5.13 0.60 N 
24 1 "O4'" A DG 13 ? ? "C1'" A DG 13 ? ? N9 A DG 13 ? ? 111.35 108.30 3.05  0.30 N 
25 1 N7    A DG 13 ? ? C8    A DG 13 ? ? N9 A DG 13 ? ? 117.70 113.10 4.60  0.50 N 
26 1 C8    A DG 13 ? ? N9    A DG 13 ? ? C4 A DG 13 ? ? 103.63 106.40 -2.77 0.40 N 
27 1 "O4'" B DC 14 ? ? "C1'" B DC 14 ? ? N1 B DC 14 ? ? 111.38 108.30 3.08  0.30 N 
28 1 "O4'" B DA 15 ? ? "C1'" B DA 15 ? ? N9 B DA 15 ? ? 111.91 108.30 3.61  0.30 N 
29 1 N7    B DA 15 ? ? C8    B DA 15 ? ? N9 B DA 15 ? ? 117.46 113.80 3.66  0.50 N 
30 1 "O4'" B DT 16 ? ? "C1'" B DT 16 ? ? N1 B DT 16 ? ? 110.92 108.30 2.62  0.30 N 
31 1 C4    B DT 16 ? ? C5    B DT 16 ? ? C6 B DT 16 ? ? 121.99 118.00 3.99  0.60 N 
32 1 C6    B DT 16 ? ? C5    B DT 16 ? ? C7 B DT 16 ? ? 117.67 122.90 -5.23 0.60 N 
33 1 "O4'" B DG 17 ? ? "C1'" B DG 17 ? ? N9 B DG 17 ? ? 112.24 108.30 3.94  0.30 N 
34 1 N7    B DG 17 ? ? C8    B DG 17 ? ? N9 B DG 17 ? ? 117.69 113.10 4.59  0.50 N 
35 1 C8    B DG 17 ? ? N9    B DG 17 ? ? C4 B DG 17 ? ? 103.86 106.40 -2.54 0.40 N 
36 1 "O4'" B DC 18 ? ? "C1'" B DC 18 ? ? N1 B DC 18 ? ? 110.75 108.30 2.45  0.30 N 
37 1 "O4'" B DC 19 ? ? "C1'" B DC 19 ? ? N1 B DC 19 ? ? 113.25 108.30 4.95  0.30 N 
38 1 "O4'" B DG 20 ? ? "C1'" B DG 20 ? ? N9 B DG 20 ? ? 112.43 108.30 4.13  0.30 N 
39 1 N7    B DG 20 ? ? C8    B DG 20 ? ? N9 B DG 20 ? ? 117.75 113.10 4.65  0.50 N 
40 1 C8    B DG 20 ? ? N9    B DG 20 ? ? C4 B DG 20 ? ? 103.37 106.40 -3.03 0.40 N 
41 1 "O4'" B DC 21 ? ? "C1'" B DC 21 ? ? N1 B DC 21 ? ? 112.04 108.30 3.74  0.30 N 
42 1 N7    B DG 22 ? ? C8    B DG 22 ? ? N9 B DG 22 ? ? 117.67 113.10 4.57  0.50 N 
43 1 C8    B DG 22 ? ? N9    B DG 22 ? ? C4 B DG 22 ? ? 103.76 106.40 -2.64 0.40 N 
44 1 "O4'" B DA 23 ? ? "C1'" B DA 23 ? ? N9 B DA 23 ? ? 111.53 108.30 3.23  0.30 N 
45 1 N7    B DA 23 ? ? C8    B DA 23 ? ? N9 B DA 23 ? ? 117.70 113.80 3.90  0.50 N 
46 1 "O4'" B DT 24 ? ? "C1'" B DT 24 ? ? N1 B DT 24 ? ? 112.04 108.30 3.74  0.30 N 
47 1 C4    B DT 24 ? ? C5    B DT 24 ? ? C6 B DT 24 ? ? 121.78 118.00 3.78  0.60 N 
48 1 C6    B DT 24 ? ? C5    B DT 24 ? ? C7 B DT 24 ? ? 117.97 122.90 -4.93 0.60 N 
# 
_pdbx_struct_mod_residue.id               1 
_pdbx_struct_mod_residue.label_asym_id    A 
_pdbx_struct_mod_residue.label_comp_id    M1G 
_pdbx_struct_mod_residue.label_seq_id     6 
_pdbx_struct_mod_residue.auth_asym_id     A 
_pdbx_struct_mod_residue.auth_comp_id     M1G 
_pdbx_struct_mod_residue.auth_seq_id      6 
_pdbx_struct_mod_residue.PDB_ins_code     ? 
_pdbx_struct_mod_residue.parent_comp_id   DG 
_pdbx_struct_mod_residue.details          ? 
# 
_pdbx_nmr_ensemble.entry_id                                      1K29 
_pdbx_nmr_ensemble.conformers_calculated_total_number            20 
_pdbx_nmr_ensemble.conformers_submitted_total_number             1 
_pdbx_nmr_ensemble.conformer_selection_criteria                  
;the submitted structure is an average of 10 different structures that were back calculated and the data agreed with experimental NOESY spectrum
;
_pdbx_nmr_ensemble.average_constraints_per_residue               ? 
_pdbx_nmr_ensemble.average_constraint_violations_per_residue     ? 
_pdbx_nmr_ensemble.maximum_distance_constraint_violation         ? 
_pdbx_nmr_ensemble.average_distance_constraint_violation         ? 
_pdbx_nmr_ensemble.maximum_upper_distance_constraint_violation   ? 
_pdbx_nmr_ensemble.maximum_lower_distance_constraint_violation   ? 
_pdbx_nmr_ensemble.distance_constraint_violation_method          ? 
_pdbx_nmr_ensemble.maximum_torsion_angle_constraint_violation    ? 
_pdbx_nmr_ensemble.average_torsion_angle_constraint_violation    ? 
_pdbx_nmr_ensemble.torsion_angle_constraint_violation_method     ? 
# 
_pdbx_nmr_representative.entry_id             1K29 
_pdbx_nmr_representative.conformer_id         1 
_pdbx_nmr_representative.selection_criteria   'minimized average structure' 
# 
loop_
_pdbx_nmr_sample_details.solution_id 
_pdbx_nmr_sample_details.contents 
_pdbx_nmr_sample_details.solvent_system 
1 '2mM DNA, 10mM phosphate buffer, 0.1M NaCl, 50 uM EDTA , pH 7' '99.96% D2o'      
2 '2mM DNA, 10mM phosphate buffer, 0.1M NaCl, 50 uM EDTA , pH 7' '90% H2O/10% D2O' 
# 
loop_
_pdbx_nmr_exptl_sample_conditions.conditions_id 
_pdbx_nmr_exptl_sample_conditions.temperature 
_pdbx_nmr_exptl_sample_conditions.pressure 
_pdbx_nmr_exptl_sample_conditions.pH 
_pdbx_nmr_exptl_sample_conditions.ionic_strength 
_pdbx_nmr_exptl_sample_conditions.pressure_units 
_pdbx_nmr_exptl_sample_conditions.temperature_units 
1 293 ambient 7 '0.1M NaCl' ? K 
2 303 ambient 7 '0.1M NaCl' ? K 
3 278 ambient 7 '0.1M NaCl' ? K 
# 
loop_
_pdbx_nmr_exptl.experiment_id 
_pdbx_nmr_exptl.solution_id 
_pdbx_nmr_exptl.conditions_id 
_pdbx_nmr_exptl.type 
1 1 1 NOESY  
2 1 1 E-COSY 
3 1 2 P-COSY 
4 2 3 NOESY  
# 
_pdbx_nmr_details.entry_id   1K29 
_pdbx_nmr_details.text       'This structure was determined using standard 2D homo- and hetero- nuclear techniques' 
# 
_pdbx_nmr_refine.entry_id           1K29 
_pdbx_nmr_refine.method             
;matrix relaxation,  
simulated annealing,  
distance restraints,  
dihedral angle restraints
;
_pdbx_nmr_refine.details            ? 
_pdbx_nmr_refine.software_ordinal   1 
# 
loop_
_pdbx_nmr_software.name 
_pdbx_nmr_software.version 
_pdbx_nmr_software.classification 
_pdbx_nmr_software.authors 
_pdbx_nmr_software.ordinal 
XwinNMR   2.6  collection                    'Bruker Instrument' 1 
Felix     2000 'data analysis'               accelrys            2 
MARDIGRAS 3.0  'iterative matrix relaxation' 'T. L. James'       3 
X-PLOR    3.85 'structure solution'          Brunger             4 
X-PLOR    3.85 refinement                    Brunger             5 
# 
loop_
_chem_comp_atom.comp_id 
_chem_comp_atom.atom_id 
_chem_comp_atom.type_symbol 
_chem_comp_atom.pdbx_aromatic_flag 
_chem_comp_atom.pdbx_stereo_config 
_chem_comp_atom.pdbx_ordinal 
DA  OP3    O N N 1   
DA  P      P N N 2   
DA  OP1    O N N 3   
DA  OP2    O N N 4   
DA  "O5'"  O N N 5   
DA  "C5'"  C N N 6   
DA  "C4'"  C N R 7   
DA  "O4'"  O N N 8   
DA  "C3'"  C N S 9   
DA  "O3'"  O N N 10  
DA  "C2'"  C N N 11  
DA  "C1'"  C N R 12  
DA  N9     N Y N 13  
DA  C8     C Y N 14  
DA  N7     N Y N 15  
DA  C5     C Y N 16  
DA  C6     C Y N 17  
DA  N6     N N N 18  
DA  N1     N Y N 19  
DA  C2     C Y N 20  
DA  N3     N Y N 21  
DA  C4     C Y N 22  
DA  HOP3   H N N 23  
DA  HOP2   H N N 24  
DA  "H5'"  H N N 25  
DA  "H5''" H N N 26  
DA  "H4'"  H N N 27  
DA  "H3'"  H N N 28  
DA  "HO3'" H N N 29  
DA  "H2'"  H N N 30  
DA  "H2''" H N N 31  
DA  "H1'"  H N N 32  
DA  H8     H N N 33  
DA  H61    H N N 34  
DA  H62    H N N 35  
DA  H2     H N N 36  
DC  OP3    O N N 37  
DC  P      P N N 38  
DC  OP1    O N N 39  
DC  OP2    O N N 40  
DC  "O5'"  O N N 41  
DC  "C5'"  C N N 42  
DC  "C4'"  C N R 43  
DC  "O4'"  O N N 44  
DC  "C3'"  C N S 45  
DC  "O3'"  O N N 46  
DC  "C2'"  C N N 47  
DC  "C1'"  C N R 48  
DC  N1     N N N 49  
DC  C2     C N N 50  
DC  O2     O N N 51  
DC  N3     N N N 52  
DC  C4     C N N 53  
DC  N4     N N N 54  
DC  C5     C N N 55  
DC  C6     C N N 56  
DC  HOP3   H N N 57  
DC  HOP2   H N N 58  
DC  "H5'"  H N N 59  
DC  "H5''" H N N 60  
DC  "H4'"  H N N 61  
DC  "H3'"  H N N 62  
DC  "HO3'" H N N 63  
DC  "H2'"  H N N 64  
DC  "H2''" H N N 65  
DC  "H1'"  H N N 66  
DC  H41    H N N 67  
DC  H42    H N N 68  
DC  H5     H N N 69  
DC  H6     H N N 70  
DG  OP3    O N N 71  
DG  P      P N N 72  
DG  OP1    O N N 73  
DG  OP2    O N N 74  
DG  "O5'"  O N N 75  
DG  "C5'"  C N N 76  
DG  "C4'"  C N R 77  
DG  "O4'"  O N N 78  
DG  "C3'"  C N S 79  
DG  "O3'"  O N N 80  
DG  "C2'"  C N N 81  
DG  "C1'"  C N R 82  
DG  N9     N Y N 83  
DG  C8     C Y N 84  
DG  N7     N Y N 85  
DG  C5     C Y N 86  
DG  C6     C N N 87  
DG  O6     O N N 88  
DG  N1     N N N 89  
DG  C2     C N N 90  
DG  N2     N N N 91  
DG  N3     N N N 92  
DG  C4     C Y N 93  
DG  HOP3   H N N 94  
DG  HOP2   H N N 95  
DG  "H5'"  H N N 96  
DG  "H5''" H N N 97  
DG  "H4'"  H N N 98  
DG  "H3'"  H N N 99  
DG  "HO3'" H N N 100 
DG  "H2'"  H N N 101 
DG  "H2''" H N N 102 
DG  "H1'"  H N N 103 
DG  H8     H N N 104 
DG  H1     H N N 105 
DG  H21    H N N 106 
DG  H22    H N N 107 
DT  OP3    O N N 108 
DT  P      P N N 109 
DT  OP1    O N N 110 
DT  OP2    O N N 111 
DT  "O5'"  O N N 112 
DT  "C5'"  C N N 113 
DT  "C4'"  C N R 114 
DT  "O4'"  O N N 115 
DT  "C3'"  C N S 116 
DT  "O3'"  O N N 117 
DT  "C2'"  C N N 118 
DT  "C1'"  C N R 119 
DT  N1     N N N 120 
DT  C2     C N N 121 
DT  O2     O N N 122 
DT  N3     N N N 123 
DT  C4     C N N 124 
DT  O4     O N N 125 
DT  C5     C N N 126 
DT  C7     C N N 127 
DT  C6     C N N 128 
DT  HOP3   H N N 129 
DT  HOP2   H N N 130 
DT  "H5'"  H N N 131 
DT  "H5''" H N N 132 
DT  "H4'"  H N N 133 
DT  "H3'"  H N N 134 
DT  "HO3'" H N N 135 
DT  "H2'"  H N N 136 
DT  "H2''" H N N 137 
DT  "H1'"  H N N 138 
DT  H3     H N N 139 
DT  H71    H N N 140 
DT  H72    H N N 141 
DT  H73    H N N 142 
DT  H6     H N N 143 
M1G P      P N N 144 
M1G OP1    O N N 145 
M1G OP2    O N N 146 
M1G OP3    O N N 147 
M1G "O5'"  O N N 148 
M1G "C5'"  C N N 149 
M1G "C4'"  C N R 150 
M1G "O4'"  O N N 151 
M1G "C3'"  C N S 152 
M1G "O3'"  O N N 153 
M1G "C2'"  C N N 154 
M1G "C1'"  C N R 155 
M1G N9     N Y N 156 
M1G C8     C Y N 157 
M1G N7     N Y N 158 
M1G C5     C Y N 159 
M1G C6     C N N 160 
M1G O6     O N N 161 
M1G N1     N N N 162 
M1G C2     C N N 163 
M1G N2     N N N 164 
M1G N3     N N N 165 
M1G C4     C Y N 166 
M1G C6A    C N N 167 
M1G C7A    C N N 168 
M1G C8A    C N N 169 
M1G HOP2   H N N 170 
M1G HOP3   H N N 171 
M1G "H5'"  H N N 172 
M1G "H5''" H N N 173 
M1G "H4'"  H N N 174 
M1G "H3'"  H N N 175 
M1G "HO3'" H N N 176 
M1G "H2'"  H N N 177 
M1G "H2''" H N N 178 
M1G "H1'"  H N N 179 
M1G H8     H N N 180 
M1G H6A    H N N 181 
M1G H7A    H N N 182 
M1G H8A    H N N 183 
# 
loop_
_chem_comp_bond.comp_id 
_chem_comp_bond.atom_id_1 
_chem_comp_bond.atom_id_2 
_chem_comp_bond.value_order 
_chem_comp_bond.pdbx_aromatic_flag 
_chem_comp_bond.pdbx_stereo_config 
_chem_comp_bond.pdbx_ordinal 
DA  OP3   P      sing N N 1   
DA  OP3   HOP3   sing N N 2   
DA  P     OP1    doub N N 3   
DA  P     OP2    sing N N 4   
DA  P     "O5'"  sing N N 5   
DA  OP2   HOP2   sing N N 6   
DA  "O5'" "C5'"  sing N N 7   
DA  "C5'" "C4'"  sing N N 8   
DA  "C5'" "H5'"  sing N N 9   
DA  "C5'" "H5''" sing N N 10  
DA  "C4'" "O4'"  sing N N 11  
DA  "C4'" "C3'"  sing N N 12  
DA  "C4'" "H4'"  sing N N 13  
DA  "O4'" "C1'"  sing N N 14  
DA  "C3'" "O3'"  sing N N 15  
DA  "C3'" "C2'"  sing N N 16  
DA  "C3'" "H3'"  sing N N 17  
DA  "O3'" "HO3'" sing N N 18  
DA  "C2'" "C1'"  sing N N 19  
DA  "C2'" "H2'"  sing N N 20  
DA  "C2'" "H2''" sing N N 21  
DA  "C1'" N9     sing N N 22  
DA  "C1'" "H1'"  sing N N 23  
DA  N9    C8     sing Y N 24  
DA  N9    C4     sing Y N 25  
DA  C8    N7     doub Y N 26  
DA  C8    H8     sing N N 27  
DA  N7    C5     sing Y N 28  
DA  C5    C6     sing Y N 29  
DA  C5    C4     doub Y N 30  
DA  C6    N6     sing N N 31  
DA  C6    N1     doub Y N 32  
DA  N6    H61    sing N N 33  
DA  N6    H62    sing N N 34  
DA  N1    C2     sing Y N 35  
DA  C2    N3     doub Y N 36  
DA  C2    H2     sing N N 37  
DA  N3    C4     sing Y N 38  
DC  OP3   P      sing N N 39  
DC  OP3   HOP3   sing N N 40  
DC  P     OP1    doub N N 41  
DC  P     OP2    sing N N 42  
DC  P     "O5'"  sing N N 43  
DC  OP2   HOP2   sing N N 44  
DC  "O5'" "C5'"  sing N N 45  
DC  "C5'" "C4'"  sing N N 46  
DC  "C5'" "H5'"  sing N N 47  
DC  "C5'" "H5''" sing N N 48  
DC  "C4'" "O4'"  sing N N 49  
DC  "C4'" "C3'"  sing N N 50  
DC  "C4'" "H4'"  sing N N 51  
DC  "O4'" "C1'"  sing N N 52  
DC  "C3'" "O3'"  sing N N 53  
DC  "C3'" "C2'"  sing N N 54  
DC  "C3'" "H3'"  sing N N 55  
DC  "O3'" "HO3'" sing N N 56  
DC  "C2'" "C1'"  sing N N 57  
DC  "C2'" "H2'"  sing N N 58  
DC  "C2'" "H2''" sing N N 59  
DC  "C1'" N1     sing N N 60  
DC  "C1'" "H1'"  sing N N 61  
DC  N1    C2     sing N N 62  
DC  N1    C6     sing N N 63  
DC  C2    O2     doub N N 64  
DC  C2    N3     sing N N 65  
DC  N3    C4     doub N N 66  
DC  C4    N4     sing N N 67  
DC  C4    C5     sing N N 68  
DC  N4    H41    sing N N 69  
DC  N4    H42    sing N N 70  
DC  C5    C6     doub N N 71  
DC  C5    H5     sing N N 72  
DC  C6    H6     sing N N 73  
DG  OP3   P      sing N N 74  
DG  OP3   HOP3   sing N N 75  
DG  P     OP1    doub N N 76  
DG  P     OP2    sing N N 77  
DG  P     "O5'"  sing N N 78  
DG  OP2   HOP2   sing N N 79  
DG  "O5'" "C5'"  sing N N 80  
DG  "C5'" "C4'"  sing N N 81  
DG  "C5'" "H5'"  sing N N 82  
DG  "C5'" "H5''" sing N N 83  
DG  "C4'" "O4'"  sing N N 84  
DG  "C4'" "C3'"  sing N N 85  
DG  "C4'" "H4'"  sing N N 86  
DG  "O4'" "C1'"  sing N N 87  
DG  "C3'" "O3'"  sing N N 88  
DG  "C3'" "C2'"  sing N N 89  
DG  "C3'" "H3'"  sing N N 90  
DG  "O3'" "HO3'" sing N N 91  
DG  "C2'" "C1'"  sing N N 92  
DG  "C2'" "H2'"  sing N N 93  
DG  "C2'" "H2''" sing N N 94  
DG  "C1'" N9     sing N N 95  
DG  "C1'" "H1'"  sing N N 96  
DG  N9    C8     sing Y N 97  
DG  N9    C4     sing Y N 98  
DG  C8    N7     doub Y N 99  
DG  C8    H8     sing N N 100 
DG  N7    C5     sing Y N 101 
DG  C5    C6     sing N N 102 
DG  C5    C4     doub Y N 103 
DG  C6    O6     doub N N 104 
DG  C6    N1     sing N N 105 
DG  N1    C2     sing N N 106 
DG  N1    H1     sing N N 107 
DG  C2    N2     sing N N 108 
DG  C2    N3     doub N N 109 
DG  N2    H21    sing N N 110 
DG  N2    H22    sing N N 111 
DG  N3    C4     sing N N 112 
DT  OP3   P      sing N N 113 
DT  OP3   HOP3   sing N N 114 
DT  P     OP1    doub N N 115 
DT  P     OP2    sing N N 116 
DT  P     "O5'"  sing N N 117 
DT  OP2   HOP2   sing N N 118 
DT  "O5'" "C5'"  sing N N 119 
DT  "C5'" "C4'"  sing N N 120 
DT  "C5'" "H5'"  sing N N 121 
DT  "C5'" "H5''" sing N N 122 
DT  "C4'" "O4'"  sing N N 123 
DT  "C4'" "C3'"  sing N N 124 
DT  "C4'" "H4'"  sing N N 125 
DT  "O4'" "C1'"  sing N N 126 
DT  "C3'" "O3'"  sing N N 127 
DT  "C3'" "C2'"  sing N N 128 
DT  "C3'" "H3'"  sing N N 129 
DT  "O3'" "HO3'" sing N N 130 
DT  "C2'" "C1'"  sing N N 131 
DT  "C2'" "H2'"  sing N N 132 
DT  "C2'" "H2''" sing N N 133 
DT  "C1'" N1     sing N N 134 
DT  "C1'" "H1'"  sing N N 135 
DT  N1    C2     sing N N 136 
DT  N1    C6     sing N N 137 
DT  C2    O2     doub N N 138 
DT  C2    N3     sing N N 139 
DT  N3    C4     sing N N 140 
DT  N3    H3     sing N N 141 
DT  C4    O4     doub N N 142 
DT  C4    C5     sing N N 143 
DT  C5    C7     sing N N 144 
DT  C5    C6     doub N N 145 
DT  C7    H71    sing N N 146 
DT  C7    H72    sing N N 147 
DT  C7    H73    sing N N 148 
DT  C6    H6     sing N N 149 
M1G P     OP1    doub N N 150 
M1G P     OP2    sing N N 151 
M1G P     OP3    sing N N 152 
M1G P     "O5'"  sing N N 153 
M1G OP2   HOP2   sing N N 154 
M1G OP3   HOP3   sing N N 155 
M1G "O5'" "C5'"  sing N N 156 
M1G "C5'" "C4'"  sing N N 157 
M1G "C5'" "H5'"  sing N N 158 
M1G "C5'" "H5''" sing N N 159 
M1G "C4'" "O4'"  sing N N 160 
M1G "C4'" "C3'"  sing N N 161 
M1G "C4'" "H4'"  sing N N 162 
M1G "O4'" "C1'"  sing N N 163 
M1G "C3'" "O3'"  sing N N 164 
M1G "C3'" "C2'"  sing N N 165 
M1G "C3'" "H3'"  sing N N 166 
M1G "O3'" "HO3'" sing N N 167 
M1G "C2'" "C1'"  sing N N 168 
M1G "C2'" "H2'"  sing N N 169 
M1G "C2'" "H2''" sing N N 170 
M1G "C1'" N9     sing N N 171 
M1G "C1'" "H1'"  sing N N 172 
M1G N9    C8     sing Y N 173 
M1G N9    C4     sing Y N 174 
M1G C8    N7     doub Y N 175 
M1G C8    H8     sing N N 176 
M1G N7    C5     sing Y N 177 
M1G C5    C6     sing N N 178 
M1G C5    C4     doub Y N 179 
M1G C6    O6     doub N N 180 
M1G C6    N1     sing N N 181 
M1G N1    C2     sing N N 182 
M1G N1    C8A    sing N N 183 
M1G C2    N2     sing N N 184 
M1G C2    N3     doub N N 185 
M1G N2    C6A    doub N N 186 
M1G N3    C4     sing N N 187 
M1G C6A   C7A    sing N N 188 
M1G C6A   H6A    sing N N 189 
M1G C7A   C8A    doub N N 190 
M1G C7A   H7A    sing N N 191 
M1G C8A   H8A    sing N N 192 
# 
loop_
_ndb_struct_conf_na.entry_id 
_ndb_struct_conf_na.feature 
1K29 'double helix'         
1K29 'b-form double helix'  
1K29 'bulge loop'           
1K29 'mismatched base pair' 
# 
loop_
_ndb_struct_na_base_pair.model_number 
_ndb_struct_na_base_pair.i_label_asym_id 
_ndb_struct_na_base_pair.i_label_comp_id 
_ndb_struct_na_base_pair.i_label_seq_id 
_ndb_struct_na_base_pair.i_symmetry 
_ndb_struct_na_base_pair.j_label_asym_id 
_ndb_struct_na_base_pair.j_label_comp_id 
_ndb_struct_na_base_pair.j_label_seq_id 
_ndb_struct_na_base_pair.j_symmetry 
_ndb_struct_na_base_pair.shear 
_ndb_struct_na_base_pair.stretch 
_ndb_struct_na_base_pair.stagger 
_ndb_struct_na_base_pair.buckle 
_ndb_struct_na_base_pair.propeller 
_ndb_struct_na_base_pair.opening 
_ndb_struct_na_base_pair.pair_number 
_ndb_struct_na_base_pair.pair_name 
_ndb_struct_na_base_pair.i_auth_asym_id 
_ndb_struct_na_base_pair.i_auth_seq_id 
_ndb_struct_na_base_pair.i_PDB_ins_code 
_ndb_struct_na_base_pair.j_auth_asym_id 
_ndb_struct_na_base_pair.j_auth_seq_id 
_ndb_struct_na_base_pair.j_PDB_ins_code 
_ndb_struct_na_base_pair.hbond_type_28 
_ndb_struct_na_base_pair.hbond_type_12 
1 A DA 1  1_555 B DT 11 1_555 -0.008 -0.150 0.182  -28.656 3.104  7.460  1  A_DA1:DT24_B  A 1  ? B 24 ? 20 1 
1 A DT 2  1_555 B DA 10 1_555 0.025  -0.070 0.123  -4.073  -2.460 -3.398 2  A_DT2:DA23_B  A 2  ? B 23 ? 20 1 
1 A DC 3  1_555 B DG 9  1_555 0.136  -0.165 0.066  0.939   -4.481 -1.546 3  A_DC3:DG22_B  A 3  ? B 22 ? 19 1 
1 A DG 4  1_555 B DC 8  1_555 -0.058 -0.066 0.054  0.877   -5.243 0.127  4  A_DG4:DC21_B  A 4  ? B 21 ? 19 1 
1 A DC 5  1_555 B DG 7  1_555 0.140  -0.165 0.063  3.706   -3.637 -4.896 5  A_DC5:DG20_B  A 5  ? B 20 ? 19 1 
1 A DG 8  1_555 B DC 6  1_555 -0.215 -0.095 -0.158 -0.064  2.401  -0.305 6  A_DG8:DC19_B  A 8  ? B 19 ? 19 1 
1 A DG 9  1_555 B DC 5  1_555 0.380  -0.190 0.173  4.537   -1.142 -5.994 7  A_DG9:DC18_B  A 9  ? B 18 ? 19 1 
1 A DC 10 1_555 B DG 4  1_555 0.039  -0.230 -0.362 3.960   -2.860 -6.029 8  A_DC10:DG17_B A 10 ? B 17 ? 19 1 
1 A DA 11 1_555 B DT 3  1_555 -0.059 -0.141 0.472  8.940   0.143  6.573  9  A_DA11:DT16_B A 11 ? B 16 ? 20 1 
1 A DT 12 1_555 B DA 2  1_555 0.065  -0.116 0.096  18.565  2.858  3.629  10 A_DT12:DA15_B A 12 ? B 15 ? 20 1 
1 A DG 13 1_555 B DC 1  1_555 -0.066 -0.008 0.027  39.725  -8.151 3.338  11 A_DG13:DC14_B A 13 ? B 14 ? 19 1 
# 
loop_
_ndb_struct_na_base_pair_step.model_number 
_ndb_struct_na_base_pair_step.i_label_asym_id_1 
_ndb_struct_na_base_pair_step.i_label_comp_id_1 
_ndb_struct_na_base_pair_step.i_label_seq_id_1 
_ndb_struct_na_base_pair_step.i_symmetry_1 
_ndb_struct_na_base_pair_step.j_label_asym_id_1 
_ndb_struct_na_base_pair_step.j_label_comp_id_1 
_ndb_struct_na_base_pair_step.j_label_seq_id_1 
_ndb_struct_na_base_pair_step.j_symmetry_1 
_ndb_struct_na_base_pair_step.i_label_asym_id_2 
_ndb_struct_na_base_pair_step.i_label_comp_id_2 
_ndb_struct_na_base_pair_step.i_label_seq_id_2 
_ndb_struct_na_base_pair_step.i_symmetry_2 
_ndb_struct_na_base_pair_step.j_label_asym_id_2 
_ndb_struct_na_base_pair_step.j_label_comp_id_2 
_ndb_struct_na_base_pair_step.j_label_seq_id_2 
_ndb_struct_na_base_pair_step.j_symmetry_2 
_ndb_struct_na_base_pair_step.shift 
_ndb_struct_na_base_pair_step.slide 
_ndb_struct_na_base_pair_step.rise 
_ndb_struct_na_base_pair_step.tilt 
_ndb_struct_na_base_pair_step.roll 
_ndb_struct_na_base_pair_step.twist 
_ndb_struct_na_base_pair_step.x_displacement 
_ndb_struct_na_base_pair_step.y_displacement 
_ndb_struct_na_base_pair_step.helical_rise 
_ndb_struct_na_base_pair_step.inclination 
_ndb_struct_na_base_pair_step.tip 
_ndb_struct_na_base_pair_step.helical_twist 
_ndb_struct_na_base_pair_step.step_number 
_ndb_struct_na_base_pair_step.step_name 
_ndb_struct_na_base_pair_step.i_auth_asym_id_1 
_ndb_struct_na_base_pair_step.i_auth_seq_id_1 
_ndb_struct_na_base_pair_step.i_PDB_ins_code_1 
_ndb_struct_na_base_pair_step.j_auth_asym_id_1 
_ndb_struct_na_base_pair_step.j_auth_seq_id_1 
_ndb_struct_na_base_pair_step.j_PDB_ins_code_1 
_ndb_struct_na_base_pair_step.i_auth_asym_id_2 
_ndb_struct_na_base_pair_step.i_auth_seq_id_2 
_ndb_struct_na_base_pair_step.i_PDB_ins_code_2 
_ndb_struct_na_base_pair_step.j_auth_asym_id_2 
_ndb_struct_na_base_pair_step.j_auth_seq_id_2 
_ndb_struct_na_base_pair_step.j_PDB_ins_code_2 
1 A DA 1  1_555 B DT 11 1_555 A DT 2  1_555 B DA 10 1_555 -0.477 -0.067 2.603 2.379  6.377   28.835 -1.193 1.330  2.485 12.585  
-4.695 29.611 1 AA_DA1DT2:DA23DT24_BB   A 1  ? B 24 ? A 2  ? B 23 ? 
1 A DT 2  1_555 B DA 10 1_555 A DC 3  1_555 B DG 9  1_555 0.252  -0.123 3.444 -0.048 6.286   34.662 -1.186 -0.424 3.370 10.445  
0.080  35.210 2 AA_DT2DC3:DG22DA23_BB   A 2  ? B 23 ? A 3  ? B 22 ? 
1 A DC 3  1_555 B DG 9  1_555 A DG 4  1_555 B DC 8  1_555 0.506  -0.299 3.482 4.519  8.841   36.827 -1.651 -0.165 3.361 13.691  
-6.998 38.097 3 AA_DC3DG4:DC21DG22_BB   A 3  ? B 22 ? A 4  ? B 21 ? 
1 A DG 4  1_555 B DC 8  1_555 A DC 5  1_555 B DG 7  1_555 -0.179 -1.027 3.693 0.008  -13.830 31.907 0.817  0.301  3.802 -23.809 
-0.014 34.704 4 AA_DG4DC5:DG20DC21_BB   A 4  ? B 21 ? A 5  ? B 20 ? 
1 A DG 8  1_555 B DC 6  1_555 A DG 9  1_555 B DC 5  1_555 -0.391 0.223  3.694 -1.258 12.250  32.702 -1.759 0.433  3.560 20.857  
2.142  34.884 5 AA_DG8DG9:DC18DC19_BB   A 8  ? B 19 ? A 9  ? B 18 ? 
1 A DG 9  1_555 B DC 5  1_555 A DC 10 1_555 B DG 4  1_555 -0.096 -1.056 3.470 3.756  6.641   30.248 -3.262 0.913  3.139 12.478  
-7.058 31.174 6 AA_DG9DC10:DG17DC18_BB  A 9  ? B 18 ? A 10 ? B 17 ? 
1 A DC 10 1_555 B DG 4  1_555 A DA 11 1_555 B DT 3  1_555 1.381  0.760  3.533 1.680  1.765   36.483 0.946  -1.949 3.622 2.815   
-2.679 36.562 7 AA_DC10DA11:DT16DG17_BB A 10 ? B 17 ? A 11 ? B 16 ? 
1 A DA 11 1_555 B DT 3  1_555 A DT 12 1_555 B DA 2  1_555 0.111  -0.627 3.099 0.272  11.536  30.150 -3.010 -0.155 2.685 21.225  
-0.501 32.235 8 AA_DA11DT12:DA15DT16_BB A 11 ? B 16 ? A 12 ? B 15 ? 
1 A DT 12 1_555 B DA 2  1_555 A DG 13 1_555 B DC 1  1_555 -0.136 0.722  2.829 4.396  6.140   31.542 0.338  0.927  2.870 11.098  
-7.944 32.411 9 AA_DT12DG13:DC14DA15_BB A 12 ? B 15 ? A 13 ? B 14 ? 
# 
_pdbx_nmr_spectrometer.spectrometer_id   1 
_pdbx_nmr_spectrometer.type              ? 
_pdbx_nmr_spectrometer.manufacturer      Bruker 
_pdbx_nmr_spectrometer.model             AVANCE 
_pdbx_nmr_spectrometer.field_strength    600 
# 
_atom_sites.entry_id                    1K29 
_atom_sites.fract_transf_matrix[1][1]   1.000000 
_atom_sites.fract_transf_matrix[1][2]   0.000000 
_atom_sites.fract_transf_matrix[1][3]   0.000000 
_atom_sites.fract_transf_matrix[2][1]   0.000000 
_atom_sites.fract_transf_matrix[2][2]   1.000000 
_atom_sites.fract_transf_matrix[2][3]   0.000000 
_atom_sites.fract_transf_matrix[3][1]   0.000000 
_atom_sites.fract_transf_matrix[3][2]   0.000000 
_atom_sites.fract_transf_matrix[3][3]   1.000000 
_atom_sites.fract_transf_vector[1]      0.00000 
_atom_sites.fract_transf_vector[2]      0.00000 
_atom_sites.fract_transf_vector[3]      0.00000 
# 
loop_
_atom_type.symbol 
C 
H 
N 
O 
P 
# 
loop_
_atom_site.group_PDB 
_atom_site.id 
_atom_site.type_symbol 
_atom_site.label_atom_id 
_atom_site.label_alt_id 
_atom_site.label_comp_id 
_atom_site.label_asym_id 
_atom_site.label_entity_id 
_atom_site.label_seq_id 
_atom_site.pdbx_PDB_ins_code 
_atom_site.Cartn_x 
_atom_site.Cartn_y 
_atom_site.Cartn_z 
_atom_site.occupancy 
_atom_site.B_iso_or_equiv 
_atom_site.pdbx_formal_charge 
_atom_site.auth_seq_id 
_atom_site.auth_comp_id 
_atom_site.auth_asym_id 
_atom_site.auth_atom_id 
_atom_site.pdbx_PDB_model_num 
ATOM   1   O "O5'"  . DA  A 1 1  ? 7.053   11.647  -16.998 1.00 0.15 ? 1  DA  A "O5'"  1 
ATOM   2   C "C5'"  . DA  A 1 1  ? 6.710   11.600  -18.392 1.00 0.17 ? 1  DA  A "C5'"  1 
ATOM   3   C "C4'"  . DA  A 1 1  ? 6.083   10.264  -18.819 1.00 0.16 ? 1  DA  A "C4'"  1 
ATOM   4   O "O4'"  . DA  A 1 1  ? 7.007   9.164   -18.640 1.00 0.16 ? 1  DA  A "O4'"  1 
ATOM   5   C "C3'"  . DA  A 1 1  ? 4.827   9.963   -18.013 1.00 0.15 ? 1  DA  A "C3'"  1 
ATOM   6   O "O3'"  . DA  A 1 1  ? 3.717   9.696   -18.876 1.00 0.15 ? 1  DA  A "O3'"  1 
ATOM   7   C "C2'"  . DA  A 1 1  ? 5.151   8.732   -17.208 1.00 0.13 ? 1  DA  A "C2'"  1 
ATOM   8   C "C1'"  . DA  A 1 1  ? 6.405   8.138   -17.820 1.00 0.14 ? 1  DA  A "C1'"  1 
ATOM   9   N N9     . DA  A 1 1  ? 7.337   7.679   -16.779 1.00 0.13 ? 1  DA  A N9     1 
ATOM   10  C C8     . DA  A 1 1  ? 7.892   8.363   -15.750 1.00 0.13 ? 1  DA  A C8     1 
ATOM   11  N N7     . DA  A 1 1  ? 8.694   7.718   -14.971 1.00 0.12 ? 1  DA  A N7     1 
ATOM   12  C C5     . DA  A 1 1  ? 8.676   6.441   -15.543 1.00 0.12 ? 1  DA  A C5     1 
ATOM   13  C C6     . DA  A 1 1  ? 9.318   5.244   -15.214 1.00 0.12 ? 1  DA  A C6     1 
ATOM   14  N N6     . DA  A 1 1  ? 10.143  5.111   -14.175 1.00 0.11 ? 1  DA  A N6     1 
ATOM   15  N N1     . DA  A 1 1  ? 9.074   4.180   -15.995 1.00 0.12 ? 1  DA  A N1     1 
ATOM   16  C C2     . DA  A 1 1  ? 8.248   4.274   -17.036 1.00 0.12 ? 1  DA  A C2     1 
ATOM   17  N N3     . DA  A 1 1  ? 7.590   5.355   -17.439 1.00 0.13 ? 1  DA  A N3     1 
ATOM   18  C C4     . DA  A 1 1  ? 7.850   6.412   -16.643 1.00 0.13 ? 1  DA  A C4     1 
ATOM   19  H "H5'"  . DA  A 1 1  ? 7.608   11.774  -18.981 1.00 0.18 ? 1  DA  A "H5'"  1 
ATOM   20  H "H5''" . DA  A 1 1  ? 5.997   12.399  -18.601 1.00 0.17 ? 1  DA  A "H5''" 1 
ATOM   21  H "H4'"  . DA  A 1 1  ? 5.815   10.329  -19.871 1.00 0.17 ? 1  DA  A "H4'"  1 
ATOM   22  H "H3'"  . DA  A 1 1  ? 4.598   10.800  -17.349 1.00 0.15 ? 1  DA  A "H3'"  1 
ATOM   23  H "H2'"  . DA  A 1 1  ? 5.337   9.006   -16.171 1.00 0.12 ? 1  DA  A "H2'"  1 
ATOM   24  H "H2''" . DA  A 1 1  ? 4.330   8.019   -17.266 1.00 0.13 ? 1  DA  A "H2''" 1 
ATOM   25  H "H1'"  . DA  A 1 1  ? 6.130   7.287   -18.450 1.00 0.14 ? 1  DA  A "H1'"  1 
ATOM   26  H H8     . DA  A 1 1  ? 7.669   9.416   -15.588 1.00 0.13 ? 1  DA  A H8     1 
ATOM   27  H H61    . DA  A 1 1  ? 10.576  4.219   -13.985 1.00 0.11 ? 1  DA  A H61    1 
ATOM   28  H H62    . DA  A 1 1  ? 10.332  5.902   -13.577 1.00 0.11 ? 1  DA  A H62    1 
ATOM   29  H H2     . DA  A 1 1  ? 8.100   3.368   -17.623 1.00 0.13 ? 1  DA  A H2     1 
ATOM   30  H "HO5'" . DA  A 1 1  ? 7.324   10.782  -16.733 1.00 0.78 ? 1  DA  A "HO5'" 1 
ATOM   31  P P      . DT  A 1 2  ? 2.247   9.461   -18.263 1.00 0.15 ? 2  DT  A P      1 
ATOM   32  O OP1    . DT  A 1 2  ? 1.253   10.012  -19.212 1.00 0.16 ? 2  DT  A OP1    1 
ATOM   33  O OP2    . DT  A 1 2  ? 2.252   9.916   -16.853 1.00 0.14 ? 2  DT  A OP2    1 
ATOM   34  O "O5'"  . DT  A 1 2  ? 2.118   7.855   -18.275 1.00 0.14 ? 2  DT  A "O5'"  1 
ATOM   35  C "C5'"  . DT  A 1 2  ? 2.280   7.114   -19.487 1.00 0.15 ? 2  DT  A "C5'"  1 
ATOM   36  C "C4'"  . DT  A 1 2  ? 2.357   5.611   -19.220 1.00 0.13 ? 2  DT  A "C4'"  1 
ATOM   37  O "O4'"  . DT  A 1 2  ? 3.595   5.243   -18.549 1.00 0.12 ? 2  DT  A "O4'"  1 
ATOM   38  C "C3'"  . DT  A 1 2  ? 1.206   5.161   -18.327 1.00 0.13 ? 2  DT  A "C3'"  1 
ATOM   39  O "O3'"  . DT  A 1 2  ? 0.564   4.002   -18.878 1.00 0.13 ? 2  DT  A "O3'"  1 
ATOM   40  C "C2'"  . DT  A 1 2  ? 1.868   4.849   -17.014 1.00 0.11 ? 2  DT  A "C2'"  1 
ATOM   41  C "C1'"  . DT  A 1 2  ? 3.267   4.435   -17.398 1.00 0.11 ? 2  DT  A "C1'"  1 
ATOM   42  N N1     . DT  A 1 2  ? 4.220   4.615   -16.288 1.00 0.10 ? 2  DT  A N1     1 
ATOM   43  C C2     . DT  A 1 2  ? 5.152   3.607   -16.074 1.00 0.09 ? 2  DT  A C2     1 
ATOM   44  O O2     . DT  A 1 2  ? 5.195   2.598   -16.770 1.00 0.09 ? 2  DT  A O2     1 
ATOM   45  N N3     . DT  A 1 2  ? 6.027   3.802   -15.020 1.00 0.08 ? 2  DT  A N3     1 
ATOM   46  C C4     . DT  A 1 2  ? 6.047   4.899   -14.184 1.00 0.08 ? 2  DT  A C4     1 
ATOM   47  O O4     . DT  A 1 2  ? 6.879   4.977   -13.277 1.00 0.08 ? 2  DT  A O4     1 
ATOM   48  C C5     . DT  A 1 2  ? 5.037   5.888   -14.498 1.00 0.09 ? 2  DT  A C5     1 
ATOM   49  C C7     . DT  A 1 2  ? 4.947   7.156   -13.663 1.00 0.14 ? 2  DT  A C7     1 
ATOM   50  C C6     . DT  A 1 2  ? 4.178   5.730   -15.503 1.00 0.10 ? 2  DT  A C6     1 
ATOM   51  H "H5'"  . DT  A 1 2  ? 3.197   7.435   -19.981 1.00 0.15 ? 2  DT  A "H5'"  1 
ATOM   52  H "H5''" . DT  A 1 2  ? 1.433   7.315   -20.143 1.00 0.16 ? 2  DT  A "H5''" 1 
ATOM   53  H "H4'"  . DT  A 1 2  ? 2.300   5.077   -20.168 1.00 0.14 ? 2  DT  A "H4'"  1 
ATOM   54  H "H3'"  . DT  A 1 2  ? 0.489   5.976   -18.201 1.00 0.14 ? 2  DT  A "H3'"  1 
ATOM   55  H "H2'"  . DT  A 1 2  ? 1.896   5.742   -16.388 1.00 0.11 ? 2  DT  A "H2'"  1 
ATOM   56  H "H2''" . DT  A 1 2  ? 1.357   4.042   -16.498 1.00 0.11 ? 2  DT  A "H2''" 1 
ATOM   57  H "H1'"  . DT  A 1 2  ? 3.255   3.389   -17.697 1.00 0.11 ? 2  DT  A "H1'"  1 
ATOM   58  H H3     . DT  A 1 2  ? 6.713   3.078   -14.850 1.00 0.08 ? 2  DT  A H3     1 
ATOM   59  H H71    . DT  A 1 2  ? 5.052   7.869   -14.166 1.00 0.88 ? 2  DT  A H71    1 
ATOM   60  H H72    . DT  A 1 2  ? 5.679   7.144   -12.834 1.00 0.89 ? 2  DT  A H72    1 
ATOM   61  H H73    . DT  A 1 2  ? 4.062   7.385   -13.430 1.00 0.84 ? 2  DT  A H73    1 
ATOM   62  H H6     . DT  A 1 2  ? 3.444   6.500   -15.694 1.00 0.11 ? 2  DT  A H6     1 
ATOM   63  P P      . DC  A 1 3  ? -0.762  3.379   -18.204 1.00 0.13 ? 3  DC  A P      1 
ATOM   64  O OP1    . DC  A 1 3  ? -1.772  3.180   -19.268 1.00 0.15 ? 3  DC  A OP1    1 
ATOM   65  O OP2    . DC  A 1 3  ? -1.099  4.182   -17.008 1.00 0.13 ? 3  DC  A OP2    1 
ATOM   66  O "O5'"  . DC  A 1 3  ? -0.256  1.930   -17.713 1.00 0.12 ? 3  DC  A "O5'"  1 
ATOM   67  C "C5'"  . DC  A 1 3  ? 0.225   0.966   -18.656 1.00 0.13 ? 3  DC  A "C5'"  1 
ATOM   68  C "C4'"  . DC  A 1 3  ? 0.934   -0.190  -17.960 1.00 0.11 ? 3  DC  A "C4'"  1 
ATOM   69  O "O4'"  . DC  A 1 3  ? 2.058   0.284   -17.177 1.00 0.10 ? 3  DC  A "O4'"  1 
ATOM   70  C "C3'"  . DC  A 1 3  ? -0.008  -0.917  -17.006 1.00 0.11 ? 3  DC  A "C3'"  1 
ATOM   71  O "O3'"  . DC  A 1 3  ? 0.100   -2.337  -17.151 1.00 0.11 ? 3  DC  A "O3'"  1 
ATOM   72  C "C2'"  . DC  A 1 3  ? 0.462   -0.502  -15.645 1.00 0.10 ? 3  DC  A "C2'"  1 
ATOM   73  C "C1'"  . DC  A 1 3  ? 1.932   -0.227  -15.838 1.00 0.09 ? 3  DC  A "C1'"  1 
ATOM   74  N N1     . DC  A 1 3  ? 2.453   0.714   -14.830 1.00 0.08 ? 3  DC  A N1     1 
ATOM   75  C C2     . DC  A 1 3  ? 3.568   0.329   -14.115 1.00 0.06 ? 3  DC  A C2     1 
ATOM   76  O O2     . DC  A 1 3  ? 4.096   -0.761  -14.324 1.00 0.06 ? 3  DC  A O2     1 
ATOM   77  N N3     . DC  A 1 3  ? 4.055   1.193   -13.189 1.00 0.05 ? 3  DC  A N3     1 
ATOM   78  C C4     . DC  A 1 3  ? 3.466   2.381   -12.977 1.00 0.06 ? 3  DC  A C4     1 
ATOM   79  N N4     . DC  A 1 3  ? 3.972   3.199   -12.053 1.00 0.05 ? 3  DC  A N4     1 
ATOM   80  C C5     . DC  A 1 3  ? 2.357   2.766   -13.684 1.00 0.07 ? 3  DC  A C5     1 
ATOM   81  C C6     . DC  A 1 3  ? 1.862   1.916   -14.611 1.00 0.08 ? 3  DC  A C6     1 
ATOM   82  H "H5'"  . DC  A 1 3  ? 0.923   1.452   -19.339 1.00 0.13 ? 3  DC  A "H5'"  1 
ATOM   83  H "H5''" . DC  A 1 3  ? -0.617  0.576   -19.228 1.00 0.14 ? 3  DC  A "H5''" 1 
ATOM   84  H "H4'"  . DC  A 1 3  ? 1.300   -0.895  -18.704 1.00 0.12 ? 3  DC  A "H4'"  1 
ATOM   85  H "H3'"  . DC  A 1 3  ? -1.038  -0.588  -17.167 1.00 0.12 ? 3  DC  A "H3'"  1 
ATOM   86  H "H2'"  . DC  A 1 3  ? -0.055  0.403   -15.324 1.00 0.10 ? 3  DC  A "H2'"  1 
ATOM   87  H "H2''" . DC  A 1 3  ? 0.312   -1.304  -14.926 1.00 0.09 ? 3  DC  A "H2''" 1 
ATOM   88  H "H1'"  . DC  A 1 3  ? 2.478   -1.166  -15.774 1.00 0.08 ? 3  DC  A "H1'"  1 
ATOM   89  H H41    . DC  A 1 3  ? 4.788   2.924   -11.525 1.00 0.04 ? 3  DC  A H41    1 
ATOM   90  H H42    . DC  A 1 3  ? 3.538   4.095   -11.882 1.00 0.06 ? 3  DC  A H42    1 
ATOM   91  H H5     . DC  A 1 3  ? 1.883   3.729   -13.499 1.00 0.08 ? 3  DC  A H5     1 
ATOM   92  H H6     . DC  A 1 3  ? 0.981   2.196   -15.187 1.00 0.09 ? 3  DC  A H6     1 
ATOM   93  P P      . DG  A 1 4  ? -0.871  -3.321  -16.324 1.00 0.12 ? 4  DG  A P      1 
ATOM   94  O OP1    . DG  A 1 4  ? -1.157  -4.504  -17.167 1.00 0.13 ? 4  DG  A OP1    1 
ATOM   95  O OP2    . DG  A 1 4  ? -1.988  -2.519  -15.775 1.00 0.13 ? 4  DG  A OP2    1 
ATOM   96  O "O5'"  . DG  A 1 4  ? 0.065   -3.790  -15.097 1.00 0.10 ? 4  DG  A "O5'"  1 
ATOM   97  C "C5'"  . DG  A 1 4  ? 1.108   -4.752  -15.286 1.00 0.10 ? 4  DG  A "C5'"  1 
ATOM   98  C "C4'"  . DG  A 1 4  ? 1.642   -5.266  -13.949 1.00 0.09 ? 4  DG  A "C4'"  1 
ATOM   99  O "O4'"  . DG  A 1 4  ? 2.330   -4.216  -13.211 1.00 0.08 ? 4  DG  A "O4'"  1 
ATOM   100 C "C3'"  . DG  A 1 4  ? 0.499   -5.758  -13.070 1.00 0.10 ? 4  DG  A "C3'"  1 
ATOM   101 O "O3'"  . DG  A 1 4  ? 0.854   -7.006  -12.451 1.00 0.10 ? 4  DG  A "O3'"  1 
ATOM   102 C "C2'"  . DG  A 1 4  ? 0.332   -4.664  -12.052 1.00 0.09 ? 4  DG  A "C2'"  1 
ATOM   103 C "C1'"  . DG  A 1 4  ? 1.708   -4.062  -11.913 1.00 0.08 ? 4  DG  A "C1'"  1 
ATOM   104 N N9     . DG  A 1 4  ? 1.629   -2.651  -11.501 1.00 0.07 ? 4  DG  A N9     1 
ATOM   105 C C8     . DG  A 1 4  ? 0.719   -1.724  -11.846 1.00 0.08 ? 4  DG  A C8     1 
ATOM   106 N N7     . DG  A 1 4  ? 0.856   -0.533  -11.362 1.00 0.07 ? 4  DG  A N7     1 
ATOM   107 C C5     . DG  A 1 4  ? 2.009   -0.675  -10.584 1.00 0.06 ? 4  DG  A C5     1 
ATOM   108 C C6     . DG  A 1 4  ? 2.693   0.281   -9.784  1.00 0.05 ? 4  DG  A C6     1 
ATOM   109 O O6     . DG  A 1 4  ? 2.416   1.465   -9.599  1.00 0.05 ? 4  DG  A O6     1 
ATOM   110 N N1     . DG  A 1 4  ? 3.804   -0.273  -9.169  1.00 0.05 ? 4  DG  A N1     1 
ATOM   111 C C2     . DG  A 1 4  ? 4.216   -1.588  -9.298  1.00 0.05 ? 4  DG  A C2     1 
ATOM   112 N N2     . DG  A 1 4  ? 5.312   -1.938  -8.622  1.00 0.05 ? 4  DG  A N2     1 
ATOM   113 N N3     . DG  A 1 4  ? 3.579   -2.493  -10.048 1.00 0.06 ? 4  DG  A N3     1 
ATOM   114 C C4     . DG  A 1 4  ? 2.490   -1.975  -10.662 1.00 0.06 ? 4  DG  A C4     1 
ATOM   115 H "H5'"  . DG  A 1 4  ? 1.923   -4.290  -15.843 1.00 0.10 ? 4  DG  A "H5'"  1 
ATOM   116 H "H5''" . DG  A 1 4  ? 0.715   -5.592  -15.858 1.00 0.11 ? 4  DG  A "H5''" 1 
ATOM   117 H "H4'"  . DG  A 1 4  ? 2.335   -6.086  -14.131 1.00 0.09 ? 4  DG  A "H4'"  1 
ATOM   118 H "H3'"  . DG  A 1 4  ? -0.413  -5.865  -13.661 1.00 0.11 ? 4  DG  A "H3'"  1 
ATOM   119 H "H2'"  . DG  A 1 4  ? -0.364  -3.913  -12.428 1.00 0.10 ? 4  DG  A "H2'"  1 
ATOM   120 H "H2''" . DG  A 1 4  ? -0.016  -5.056  -11.104 1.00 0.10 ? 4  DG  A "H2''" 1 
ATOM   121 H "H1'"  . DG  A 1 4  ? 2.279   -4.627  -11.177 1.00 0.08 ? 4  DG  A "H1'"  1 
ATOM   122 H H8     . DG  A 1 4  ? -0.108  -1.981  -12.499 1.00 0.09 ? 4  DG  A H8     1 
ATOM   123 H H1     . DG  A 1 4  ? 4.343   0.353   -8.589  1.00 0.04 ? 4  DG  A H1     1 
ATOM   124 H H21    . DG  A 1 4  ? 5.792   -1.259  -8.046  1.00 0.05 ? 4  DG  A H21    1 
ATOM   125 H H22    . DG  A 1 4  ? 5.659   -2.885  -8.680  1.00 0.05 ? 4  DG  A H22    1 
ATOM   126 P P      . DC  A 1 5  ? 0.163   -7.506  -11.081 1.00 0.11 ? 5  DC  A P      1 
ATOM   127 O OP1    . DC  A 1 5  ? 0.064   -8.983  -11.132 1.00 0.12 ? 5  DC  A OP1    1 
ATOM   128 O OP2    . DC  A 1 5  ? -1.050  -6.695  -10.837 1.00 0.12 ? 5  DC  A OP2    1 
ATOM   129 O "O5'"  . DC  A 1 5  ? 1.269   -7.120  -9.974  1.00 0.10 ? 5  DC  A "O5'"  1 
ATOM   130 C "C5'"  . DC  A 1 5  ? 2.655   -7.368  -10.227 1.00 0.09 ? 5  DC  A "C5'"  1 
ATOM   131 C "C4'"  . DC  A 1 5  ? 3.536   -6.972  -9.043  1.00 0.09 ? 5  DC  A "C4'"  1 
ATOM   132 O "O4'"  . DC  A 1 5  ? 3.475   -5.543  -8.775  1.00 0.08 ? 5  DC  A "O4'"  1 
ATOM   133 C "C3'"  . DC  A 1 5  ? 3.099   -7.684  -7.770  1.00 0.10 ? 5  DC  A "C3'"  1 
ATOM   134 O "O3'"  . DC  A 1 5  ? 4.214   -8.263  -7.088  1.00 0.09 ? 5  DC  A "O3'"  1 
ATOM   135 C "C2'"  . DC  A 1 5  ? 2.464   -6.607  -6.932  1.00 0.10 ? 5  DC  A "C2'"  1 
ATOM   136 C "C1'"  . DC  A 1 5  ? 3.157   -5.336  -7.378  1.00 0.08 ? 5  DC  A "C1'"  1 
ATOM   137 N N1     . DC  A 1 5  ? 2.333   -4.115  -7.186  1.00 0.08 ? 5  DC  A N1     1 
ATOM   138 C C2     . DC  A 1 5  ? 2.901   -3.067  -6.481  1.00 0.08 ? 5  DC  A C2     1 
ATOM   139 O O2     . DC  A 1 5  ? 4.040   -3.164  -6.024  1.00 0.07 ? 5  DC  A O2     1 
ATOM   140 N N3     . DC  A 1 5  ? 2.163   -1.935  -6.323  1.00 0.08 ? 5  DC  A N3     1 
ATOM   141 C C4     . DC  A 1 5  ? 0.926   -1.840  -6.842  1.00 0.08 ? 5  DC  A C4     1 
ATOM   142 N N4     . DC  A 1 5  ? 0.229   -0.716  -6.666  1.00 0.08 ? 5  DC  A N4     1 
ATOM   143 C C5     . DC  A 1 5  ? 0.361   -2.871  -7.536  1.00 0.09 ? 5  DC  A C5     1 
ATOM   144 C C6     . DC  A 1 5  ? 1.076   -4.005  -7.700  1.00 0.09 ? 5  DC  A C6     1 
ATOM   145 H "H5'"  . DC  A 1 5  ? 2.964   -6.800  -11.104 1.00 0.09 ? 5  DC  A "H5'"  1 
ATOM   146 H "H5''" . DC  A 1 5  ? 2.792   -8.431  -10.427 1.00 0.10 ? 5  DC  A "H5''" 1 
ATOM   147 H "H4'"  . DC  A 1 5  ? 4.568   -7.241  -9.264  1.00 0.08 ? 5  DC  A "H4'"  1 
ATOM   148 H "H3'"  . DC  A 1 5  ? 2.360   -8.451  -8.011  1.00 0.10 ? 5  DC  A "H3'"  1 
ATOM   149 H "H2'"  . DC  A 1 5  ? 1.395   -6.560  -7.125  1.00 0.10 ? 5  DC  A "H2'"  1 
ATOM   150 H "H2''" . DC  A 1 5  ? 2.651   -6.789  -5.873  1.00 0.10 ? 5  DC  A "H2''" 1 
ATOM   151 H "H1'"  . DC  A 1 5  ? 4.088   -5.229  -6.821  1.00 0.08 ? 5  DC  A "H1'"  1 
ATOM   152 H H41    . DC  A 1 5  ? 0.633   0.056   -6.155  1.00 0.08 ? 5  DC  A H41    1 
ATOM   153 H H42    . DC  A 1 5  ? -0.704  -0.638  -7.045  1.00 0.09 ? 5  DC  A H42    1 
ATOM   154 H H5     . DC  A 1 5  ? -0.646  -2.784  -7.942  1.00 0.09 ? 5  DC  A H5     1 
ATOM   155 H H6     . DC  A 1 5  ? 0.641   -4.834  -8.246  1.00 0.09 ? 5  DC  A H6     1 
HETATM 156 P P      . M1G A 1 6  ? 4.022   -8.821  -5.595  1.00 0.10 ? 6  M1G A P      1 
HETATM 157 O OP1    . M1G A 1 6  ? 4.890   -10.006 -5.425  1.00 0.11 ? 6  M1G A OP1    1 
HETATM 158 O OP2    . M1G A 1 6  ? 2.570   -8.926  -5.323  1.00 0.12 ? 6  M1G A OP2    1 
HETATM 159 O "O5'"  . M1G A 1 6  ? 4.616   -7.621  -4.700  1.00 0.10 ? 6  M1G A "O5'"  1 
HETATM 160 C "C5'"  . M1G A 1 6  ? 6.025   -7.461  -4.501  1.00 0.09 ? 6  M1G A "C5'"  1 
HETATM 161 C "C4'"  . M1G A 1 6  ? 6.339   -7.469  -3.009  1.00 0.10 ? 6  M1G A "C4'"  1 
HETATM 162 O "O4'"  . M1G A 1 6  ? 5.751   -6.307  -2.351  1.00 0.10 ? 6  M1G A "O4'"  1 
HETATM 163 C "C3'"  . M1G A 1 6  ? 5.687   -8.680  -2.395  1.00 0.12 ? 6  M1G A "C3'"  1 
HETATM 164 O "O3'"  . M1G A 1 6  ? 6.378   -9.037  -1.175  1.00 0.13 ? 6  M1G A "O3'"  1 
HETATM 165 C "C2'"  . M1G A 1 6  ? 4.293   -8.176  -2.153  1.00 0.12 ? 6  M1G A "C2'"  1 
HETATM 166 C "C1'"  . M1G A 1 6  ? 4.472   -6.688  -1.767  1.00 0.11 ? 6  M1G A "C1'"  1 
HETATM 167 N N9     . M1G A 1 6  ? 3.339   -5.836  -2.299  1.00 0.11 ? 6  M1G A N9     1 
HETATM 168 C C8     . M1G A 1 6  ? 2.267   -6.259  -3.055  1.00 0.11 ? 6  M1G A C8     1 
HETATM 169 N N7     . M1G A 1 6  ? 1.383   -5.400  -3.378  1.00 0.11 ? 6  M1G A N7     1 
HETATM 170 C C5     . M1G A 1 6  ? 1.852   -4.244  -2.802  1.00 0.10 ? 6  M1G A C5     1 
HETATM 171 C C6     . M1G A 1 6  ? 1.270   -2.998  -2.848  1.00 0.09 ? 6  M1G A C6     1 
HETATM 172 O O6     . M1G A 1 6  ? 0.216   -2.754  -3.417  1.00 0.10 ? 6  M1G A O6     1 
HETATM 173 N N1     . M1G A 1 6  ? 1.840   -1.969  -2.236  1.00 0.09 ? 6  M1G A N1     1 
HETATM 174 C C2     . M1G A 1 6  ? 3.011   -2.108  -1.555  1.00 0.09 ? 6  M1G A C2     1 
HETATM 175 N N2     . M1G A 1 6  ? 3.532   -0.977  -0.969  1.00 0.09 ? 6  M1G A N2     1 
HETATM 176 N N3     . M1G A 1 6  ? 3.651   -3.366  -1.492  1.00 0.09 ? 6  M1G A N3     1 
HETATM 177 C C4     . M1G A 1 6  ? 3.023   -4.435  -2.139  1.00 0.10 ? 6  M1G A C4     1 
HETATM 178 C C6A    . M1G A 1 6  ? 2.920   0.258   -1.176  1.00 0.08 ? 6  M1G A C6A    1 
HETATM 179 C C7A    . M1G A 1 6  ? 1.836   0.371   -1.993  1.00 0.08 ? 6  M1G A C7A    1 
HETATM 180 C C8A    . M1G A 1 6  ? 1.243   -0.760  -2.425  1.00 0.09 ? 6  M1G A C8A    1 
HETATM 181 H "H5'"  . M1G A 1 6  ? 6.348   -6.516  -4.936  1.00 0.09 ? 6  M1G A "H5'"  1 
HETATM 182 H "H5''" . M1G A 1 6  ? 6.553   -8.283  -4.987  1.00 0.10 ? 6  M1G A "H5''" 1 
HETATM 183 H "H4'"  . M1G A 1 6  ? 7.415   -7.491  -2.844  1.00 0.10 ? 6  M1G A "H4'"  1 
HETATM 184 H "H3'"  . M1G A 1 6  ? 5.688   -9.515  -3.104  1.00 0.12 ? 6  M1G A "H3'"  1 
HETATM 185 H "H2'"  . M1G A 1 6  ? 3.724   -8.226  -3.082  1.00 0.11 ? 6  M1G A "H2'"  1 
HETATM 186 H "H2''" . M1G A 1 6  ? 3.794   -8.768  -1.391  1.00 0.13 ? 6  M1G A "H2''" 1 
HETATM 187 H "H1'"  . M1G A 1 6  ? 4.521   -6.605  -0.681  1.00 0.13 ? 6  M1G A "H1'"  1 
HETATM 188 H H8     . M1G A 1 6  ? 2.154   -7.288  -3.385  1.00 0.13 ? 6  M1G A H8     1 
HETATM 189 H H6A    . M1G A 1 6  ? 3.328   1.153   -0.703  1.00 0.10 ? 6  M1G A H6A    1 
HETATM 190 H H7A    . M1G A 1 6  ? 1.238   1.297   -1.987  1.00 0.08 ? 6  M1G A H7A    1 
HETATM 191 H H8A    . M1G A 1 6  ? 0.307   -0.704  -2.981  1.00 0.10 ? 6  M1G A H8A    1 
ATOM   192 P P      . DC  A 1 7  ? 5.649   -9.713  0.101   1.00 0.14 ? 7  DC  A P      1 
ATOM   193 O OP1    . DC  A 1 7  ? 6.456   -10.885 0.517   1.00 0.16 ? 7  DC  A OP1    1 
ATOM   194 O OP2    . DC  A 1 7  ? 4.210   -9.883  -0.202  1.00 0.14 ? 7  DC  A OP2    1 
ATOM   195 O "O5'"  . DC  A 1 7  ? 5.804   -8.574  1.240   1.00 0.14 ? 7  DC  A "O5'"  1 
ATOM   196 C "C5'"  . DC  A 1 7  ? 7.101   -8.258  1.764   1.00 0.14 ? 7  DC  A "C5'"  1 
ATOM   197 C "C4'"  . DC  A 1 7  ? 7.049   -7.339  2.991   1.00 0.13 ? 7  DC  A "C4'"  1 
ATOM   198 O "O4'"  . DC  A 1 7  ? 6.620   -5.985  2.660   1.00 0.13 ? 7  DC  A "O4'"  1 
ATOM   199 C "C3'"  . DC  A 1 7  ? 6.089   -7.866  4.052   1.00 0.13 ? 7  DC  A "C3'"  1 
ATOM   200 O "O3'"  . DC  A 1 7  ? 6.738   -7.938  5.330   1.00 0.13 ? 7  DC  A "O3'"  1 
ATOM   201 C "C2'"  . DC  A 1 7  ? 4.962   -6.866  4.063   1.00 0.12 ? 7  DC  A "C2'"  1 
ATOM   202 C "C1'"  . DC  A 1 7  ? 5.610   -5.574  3.613   1.00 0.12 ? 7  DC  A "C1'"  1 
ATOM   203 N N1     . DC  A 1 7  ? 4.644   -4.609  3.015   1.00 0.11 ? 7  DC  A N1     1 
ATOM   204 C C2     . DC  A 1 7  ? 4.682   -3.296  3.452   1.00 0.11 ? 7  DC  A C2     1 
ATOM   205 O O2     . DC  A 1 7  ? 5.484   -2.951  4.318   1.00 0.11 ? 7  DC  A O2     1 
ATOM   206 N N3     . DC  A 1 7  ? 3.808   -2.414  2.890   1.00 0.10 ? 7  DC  A N3     1 
ATOM   207 C C4     . DC  A 1 7  ? 2.939   -2.812  1.944   1.00 0.10 ? 7  DC  A C4     1 
ATOM   208 N N4     . DC  A 1 7  ? 2.097   -1.922  1.415   1.00 0.10 ? 7  DC  A N4     1 
ATOM   209 C C5     . DC  A 1 7  ? 2.901   -4.109  1.511   1.00 0.11 ? 7  DC  A C5     1 
ATOM   210 C C6     . DC  A 1 7  ? 3.760   -4.989  2.060   1.00 0.11 ? 7  DC  A C6     1 
ATOM   211 H "H5'"  . DC  A 1 7  ? 7.689   -7.774  0.985   1.00 0.14 ? 7  DC  A "H5'"  1 
ATOM   212 H "H5''" . DC  A 1 7  ? 7.597   -9.188  2.048   1.00 0.14 ? 7  DC  A "H5''" 1 
ATOM   213 H "H4'"  . DC  A 1 7  ? 8.048   -7.285  3.424   1.00 0.14 ? 7  DC  A "H4'"  1 
ATOM   214 H "H3'"  . DC  A 1 7  ? 5.714   -8.849  3.760   1.00 0.13 ? 7  DC  A "H3'"  1 
ATOM   215 H "H2'"  . DC  A 1 7  ? 4.189   -7.174  3.361   1.00 0.12 ? 7  DC  A "H2'"  1 
ATOM   216 H "H2''" . DC  A 1 7  ? 4.549   -6.763  5.067   1.00 0.11 ? 7  DC  A "H2''" 1 
ATOM   217 H "H1'"  . DC  A 1 7  ? 6.105   -5.107  4.470   1.00 0.12 ? 7  DC  A "H1'"  1 
ATOM   218 H H41    . DC  A 1 7  ? 2.113   -0.963  1.727   1.00 0.09 ? 7  DC  A H41    1 
ATOM   219 H H42    . DC  A 1 7  ? 1.440   -2.210  0.704   1.00 0.10 ? 7  DC  A H42    1 
ATOM   220 H H5     . DC  A 1 7  ? 2.200   -4.427  0.737   1.00 0.11 ? 7  DC  A H5     1 
ATOM   221 H H6     . DC  A 1 7  ? 3.738   -6.011  1.741   1.00 0.12 ? 7  DC  A H6     1 
ATOM   222 P P      . DG  A 1 8  ? 5.932   -8.392  6.647   1.00 0.12 ? 8  DG  A P      1 
ATOM   223 O OP1    . DG  A 1 8  ? 6.861   -9.145  7.521   1.00 0.12 ? 8  DG  A OP1    1 
ATOM   224 O OP2    . DG  A 1 8  ? 4.656   -9.008  6.224   1.00 0.12 ? 8  DG  A OP2    1 
ATOM   225 O "O5'"  . DG  A 1 8  ? 5.606   -6.984  7.356   1.00 0.11 ? 8  DG  A "O5'"  1 
ATOM   226 C "C5'"  . DG  A 1 8  ? 6.667   -6.139  7.806   1.00 0.11 ? 8  DG  A "C5'"  1 
ATOM   227 C "C4'"  . DG  A 1 8  ? 6.138   -4.923  8.560   1.00 0.10 ? 8  DG  A "C4'"  1 
ATOM   228 O "O4'"  . DG  A 1 8  ? 5.386   -4.042  7.682   1.00 0.11 ? 8  DG  A "O4'"  1 
ATOM   229 C "C3'"  . DG  A 1 8  ? 5.201   -5.350  9.683   1.00 0.09 ? 8  DG  A "C3'"  1 
ATOM   230 O "O3'"  . DG  A 1 8  ? 5.502   -4.621  10.885  1.00 0.09 ? 8  DG  A "O3'"  1 
ATOM   231 C "C2'"  . DG  A 1 8  ? 3.830   -5.010  9.163   1.00 0.08 ? 8  DG  A "C2'"  1 
ATOM   232 C "C1'"  . DG  A 1 8  ? 4.067   -3.840  8.234   1.00 0.09 ? 8  DG  A "C1'"  1 
ATOM   233 N N9     . DG  A 1 8  ? 3.036   -3.722  7.177   1.00 0.09 ? 8  DG  A N9     1 
ATOM   234 C C8     . DG  A 1 8  ? 2.176   -4.646  6.670   1.00 0.09 ? 8  DG  A C8     1 
ATOM   235 N N7     . DG  A 1 8  ? 1.360   -4.259  5.744   1.00 0.09 ? 8  DG  A N7     1 
ATOM   236 C C5     . DG  A 1 8  ? 1.704   -2.911  5.604   1.00 0.10 ? 8  DG  A C5     1 
ATOM   237 C C6     . DG  A 1 8  ? 1.169   -1.917  4.738   1.00 0.10 ? 8  DG  A C6     1 
ATOM   238 O O6     . DG  A 1 8  ? 0.270   -2.032  3.905   1.00 0.10 ? 8  DG  A O6     1 
ATOM   239 N N1     . DG  A 1 8  ? 1.800   -0.691  4.919   1.00 0.10 ? 8  DG  A N1     1 
ATOM   240 C C2     . DG  A 1 8  ? 2.819   -0.445  5.818   1.00 0.10 ? 8  DG  A C2     1 
ATOM   241 N N2     . DG  A 1 8  ? 3.297   0.799   5.846   1.00 0.11 ? 8  DG  A N2     1 
ATOM   242 N N3     . DG  A 1 8  ? 3.325   -1.373  6.634   1.00 0.10 ? 8  DG  A N3     1 
ATOM   243 C C4     . DG  A 1 8  ? 2.728   -2.576  6.477   1.00 0.10 ? 8  DG  A C4     1 
ATOM   244 H "H5'"  . DG  A 1 8  ? 7.244   -5.802  6.946   1.00 0.12 ? 8  DG  A "H5'"  1 
ATOM   245 H "H5''" . DG  A 1 8  ? 7.317   -6.711  8.469   1.00 0.11 ? 8  DG  A "H5''" 1 
ATOM   246 H "H4'"  . DG  A 1 8  ? 6.977   -4.372  8.982   1.00 0.11 ? 8  DG  A "H4'"  1 
ATOM   247 H "H3'"  . DG  A 1 8  ? 5.285   -6.425  9.855   1.00 0.08 ? 8  DG  A "H3'"  1 
ATOM   248 H "H2'"  . DG  A 1 8  ? 3.417   -5.854  8.610   1.00 0.08 ? 8  DG  A "H2'"  1 
ATOM   249 H "H2''" . DG  A 1 8  ? 3.169   -4.729  9.978   1.00 0.07 ? 8  DG  A "H2''" 1 
ATOM   250 H "H1'"  . DG  A 1 8  ? 4.073   -2.924  8.826   1.00 0.09 ? 8  DG  A "H1'"  1 
ATOM   251 H H8     . DG  A 1 8  ? 2.172   -5.673  7.029   1.00 0.09 ? 8  DG  A H8     1 
ATOM   252 H H1     . DG  A 1 8  ? 1.475   0.067   4.334   1.00 0.11 ? 8  DG  A H1     1 
ATOM   253 H H21    . DG  A 1 8  ? 2.915   1.503   5.230   1.00 0.11 ? 8  DG  A H21    1 
ATOM   254 H H22    . DG  A 1 8  ? 4.041   1.039   6.486   1.00 0.11 ? 8  DG  A H22    1 
ATOM   255 P P      . DG  A 1 9  ? 4.597   -4.763  12.212  1.00 0.08 ? 9  DG  A P      1 
ATOM   256 O OP1    . DG  A 1 9  ? 5.492   -5.082  13.347  1.00 0.08 ? 9  DG  A OP1    1 
ATOM   257 O OP2    . DG  A 1 9  ? 3.451   -5.649  11.907  1.00 0.06 ? 9  DG  A OP2    1 
ATOM   258 O "O5'"  . DG  A 1 9  ? 4.038   -3.265  12.421  1.00 0.09 ? 9  DG  A "O5'"  1 
ATOM   259 C "C5'"  . DG  A 1 9  ? 4.940   -2.179  12.660  1.00 0.12 ? 9  DG  A "C5'"  1 
ATOM   260 C "C4'"  . DG  A 1 9  ? 4.216   -0.833  12.685  1.00 0.13 ? 9  DG  A "C4'"  1 
ATOM   261 O "O4'"  . DG  A 1 9  ? 3.505   -0.603  11.442  1.00 0.13 ? 9  DG  A "O4'"  1 
ATOM   262 C "C3'"  . DG  A 1 9  ? 3.185   -0.788  13.807  1.00 0.13 ? 9  DG  A "C3'"  1 
ATOM   263 O "O3'"  . DG  A 1 9  ? 3.221   0.478   14.478  1.00 0.16 ? 9  DG  A "O3'"  1 
ATOM   264 C "C2'"  . DG  A 1 9  ? 1.871   -0.966  13.104  1.00 0.11 ? 9  DG  A "C2'"  1 
ATOM   265 C "C1'"  . DG  A 1 9  ? 2.105   -0.390  11.728  1.00 0.12 ? 9  DG  A "C1'"  1 
ATOM   266 N N9     . DG  A 1 9  ? 1.239   -1.021  10.719  1.00 0.10 ? 9  DG  A N9     1 
ATOM   267 C C8     . DG  A 1 9  ? 0.915   -2.324  10.544  1.00 0.08 ? 9  DG  A C8     1 
ATOM   268 N N7     . DG  A 1 9  ? 0.123   -2.617  9.568   1.00 0.08 ? 9  DG  A N7     1 
ATOM   269 C C5     . DG  A 1 9  ? -0.122  -1.358  9.013   1.00 0.10 ? 9  DG  A C5     1 
ATOM   270 C C6     . DG  A 1 9  ? -0.925  -0.993  7.899   1.00 0.11 ? 9  DG  A C6     1 
ATOM   271 O O6     . DG  A 1 9  ? -1.592  -1.721  7.168   1.00 0.10 ? 9  DG  A O6     1 
ATOM   272 N N1     . DG  A 1 9  ? -0.897  0.377   7.679   1.00 0.12 ? 9  DG  A N1     1 
ATOM   273 C C2     . DG  A 1 9  ? -0.186  1.290   8.431   1.00 0.14 ? 9  DG  A C2     1 
ATOM   274 N N2     . DG  A 1 9  ? -0.288  2.566   8.059   1.00 0.16 ? 9  DG  A N2     1 
ATOM   275 N N3     . DG  A 1 9  ? 0.571   0.956   9.478   1.00 0.13 ? 9  DG  A N3     1 
ATOM   276 C C4     . DG  A 1 9  ? 0.558   -0.376  9.713   1.00 0.11 ? 9  DG  A C4     1 
ATOM   277 H "H5'"  . DG  A 1 9  ? 5.691   -2.162  11.870  1.00 0.12 ? 9  DG  A "H5'"  1 
ATOM   278 H "H5''" . DG  A 1 9  ? 5.436   -2.333  13.618  1.00 0.12 ? 9  DG  A "H5''" 1 
ATOM   279 H "H4'"  . DG  A 1 9  ? 4.943   -0.036  12.832  1.00 0.15 ? 9  DG  A "H4'"  1 
ATOM   280 H "H3'"  . DG  A 1 9  ? 3.353   -1.605  14.511  1.00 0.12 ? 9  DG  A "H3'"  1 
ATOM   281 H "H2'"  . DG  A 1 9  ? 1.622   -2.025  13.034  1.00 0.09 ? 9  DG  A "H2'"  1 
ATOM   282 H "H2''" . DG  A 1 9  ? 1.083   -0.421  13.620  1.00 0.11 ? 9  DG  A "H2''" 1 
ATOM   283 H "H1'"  . DG  A 1 9  ? 1.906   0.683   11.753  1.00 0.13 ? 9  DG  A "H1'"  1 
ATOM   284 H H8     . DG  A 1 9  ? 1.308   -3.095  11.205  1.00 0.07 ? 9  DG  A H8     1 
ATOM   285 H H1     . DG  A 1 9  ? -1.445  0.713   6.900   1.00 0.13 ? 9  DG  A H1     1 
ATOM   286 H H21    . DG  A 1 9  ? -0.860  2.815   7.267   1.00 0.16 ? 9  DG  A H21    1 
ATOM   287 H H22    . DG  A 1 9  ? 0.209   3.281   8.571   1.00 0.17 ? 9  DG  A H22    1 
ATOM   288 P P      . DC  A 1 10 ? 2.142   0.841   15.617  1.00 0.17 ? 10 DC  A P      1 
ATOM   289 O OP1    . DC  A 1 10 ? 2.811   1.684   16.635  1.00 0.19 ? 10 DC  A OP1    1 
ATOM   290 O OP2    . DC  A 1 10 ? 1.459   -0.406  16.028  1.00 0.15 ? 10 DC  A OP2    1 
ATOM   291 O "O5'"  . DC  A 1 10 ? 1.083   1.761   14.820  1.00 0.17 ? 10 DC  A "O5'"  1 
ATOM   292 C "C5'"  . DC  A 1 10 ? 1.427   3.083   14.397  1.00 0.18 ? 10 DC  A "C5'"  1 
ATOM   293 C "C4'"  . DC  A 1 10 ? 0.207   3.842   13.876  1.00 0.18 ? 10 DC  A "C4'"  1 
ATOM   294 O "O4'"  . DC  A 1 10 ? -0.257  3.297   12.616  1.00 0.16 ? 10 DC  A "O4'"  1 
ATOM   295 C "C3'"  . DC  A 1 10 ? -0.943  3.758   14.873  1.00 0.17 ? 10 DC  A "C3'"  1 
ATOM   296 O "O3'"  . DC  A 1 10 ? -1.317  5.062   15.332  1.00 0.19 ? 10 DC  A "O3'"  1 
ATOM   297 C "C2'"  . DC  A 1 10 ? -2.082  3.118   14.118  1.00 0.15 ? 10 DC  A "C2'"  1 
ATOM   298 C "C1'"  . DC  A 1 10 ? -1.693  3.164   12.653  1.00 0.14 ? 10 DC  A "C1'"  1 
ATOM   299 N N1     . DC  A 1 10 ? -2.154  1.960   11.930  1.00 0.12 ? 10 DC  A N1     1 
ATOM   300 C C2     . DC  A 1 10 ? -2.884  2.143   10.770  1.00 0.11 ? 10 DC  A C2     1 
ATOM   301 O O2     . DC  A 1 10 ? -3.135  3.273   10.355  1.00 0.13 ? 10 DC  A O2     1 
ATOM   302 N N3     . DC  A 1 10 ? -3.314  1.034   10.114  1.00 0.09 ? 10 DC  A N3     1 
ATOM   303 C C4     . DC  A 1 10 ? -3.035  -0.193  10.574  1.00 0.08 ? 10 DC  A C4     1 
ATOM   304 N N4     . DC  A 1 10 ? -3.468  -1.253  9.887   1.00 0.06 ? 10 DC  A N4     1 
ATOM   305 C C5     . DC  A 1 10 ? -2.313  -0.381  11.722  1.00 0.09 ? 10 DC  A C5     1 
ATOM   306 C C6     . DC  A 1 10 ? -1.880  0.711   12.391  1.00 0.11 ? 10 DC  A C6     1 
ATOM   307 H "H5'"  . DC  A 1 10 ? 2.176   3.024   13.607  1.00 0.19 ? 10 DC  A "H5'"  1 
ATOM   308 H "H5''" . DC  A 1 10 ? 1.847   3.628   15.243  1.00 0.20 ? 10 DC  A "H5''" 1 
ATOM   309 H "H4'"  . DC  A 1 10 ? 0.475   4.888   13.729  1.00 0.19 ? 10 DC  A "H4'"  1 
ATOM   310 H "H3'"  . DC  A 1 10 ? -0.657  3.127   15.716  1.00 0.17 ? 10 DC  A "H3'"  1 
ATOM   311 H "H2'"  . DC  A 1 10 ? -2.202  2.082   14.437  1.00 0.14 ? 10 DC  A "H2'"  1 
ATOM   312 H "H2''" . DC  A 1 10 ? -3.005  3.672   14.283  1.00 0.14 ? 10 DC  A "H2''" 1 
ATOM   313 H "H1'"  . DC  A 1 10 ? -2.139  4.047   12.197  1.00 0.15 ? 10 DC  A "H1'"  1 
ATOM   314 H H41    . DC  A 1 10 ? -4.006  -1.120  9.030   1.00 0.07 ? 10 DC  A H41    1 
ATOM   315 H H42    . DC  A 1 10 ? -3.267  -2.185  10.217  1.00 0.06 ? 10 DC  A H42    1 
ATOM   316 H H5     . DC  A 1 10 ? -2.092  -1.384  12.087  1.00 0.08 ? 10 DC  A H5     1 
ATOM   317 H H6     . DC  A 1 10 ? -1.310  0.591   13.311  1.00 0.12 ? 10 DC  A H6     1 
ATOM   318 P P      . DA  A 1 11 ? -2.428  5.237   16.484  1.00 0.19 ? 11 DA  A P      1 
ATOM   319 O OP1    . DA  A 1 11 ? -2.061  6.411   17.307  1.00 0.22 ? 11 DA  A OP1    1 
ATOM   320 O OP2    . DA  A 1 11 ? -2.642  3.922   17.130  1.00 0.18 ? 11 DA  A OP2    1 
ATOM   321 O "O5'"  . DA  A 1 11 ? -3.752  5.606   15.645  1.00 0.18 ? 11 DA  A "O5'"  1 
ATOM   322 C "C5'"  . DA  A 1 11 ? -3.762  6.715   14.741  1.00 0.18 ? 11 DA  A "C5'"  1 
ATOM   323 C "C4'"  . DA  A 1 11 ? -5.089  6.801   13.990  1.00 0.16 ? 11 DA  A "C4'"  1 
ATOM   324 O "O4'"  . DA  A 1 11 ? -5.278  5.641   13.143  1.00 0.14 ? 11 DA  A "O4'"  1 
ATOM   325 C "C3'"  . DA  A 1 11 ? -6.248  6.856   14.973  1.00 0.15 ? 11 DA  A "C3'"  1 
ATOM   326 O "O3'"  . DA  A 1 11 ? -7.123  7.948   14.664  1.00 0.15 ? 11 DA  A "O3'"  1 
ATOM   327 C "C2'"  . DA  A 1 11 ? -6.957  5.542   14.829  1.00 0.13 ? 11 DA  A "C2'"  1 
ATOM   328 C "C1'"  . DA  A 1 11 ? -6.494  4.955   13.511  1.00 0.12 ? 11 DA  A "C1'"  1 
ATOM   329 N N9     . DA  A 1 11 ? -6.278  3.501   13.625  1.00 0.11 ? 11 DA  A N9     1 
ATOM   330 C C8     . DA  A 1 11 ? -5.642  2.803   14.588  1.00 0.12 ? 11 DA  A C8     1 
ATOM   331 N N7     . DA  A 1 11 ? -5.572  1.519   14.450  1.00 0.11 ? 11 DA  A N7     1 
ATOM   332 C C5     . DA  A 1 11 ? -6.248  1.329   13.240  1.00 0.08 ? 11 DA  A C5     1 
ATOM   333 C C6     . DA  A 1 11 ? -6.548  0.186   12.487  1.00 0.06 ? 11 DA  A C6     1 
ATOM   334 N N6     . DA  A 1 11 ? -6.218  -1.051  12.873  1.00 0.07 ? 11 DA  A N6     1 
ATOM   335 N N1     . DA  A 1 11 ? -7.222  0.364   11.337  1.00 0.03 ? 11 DA  A N1     1 
ATOM   336 C C2     . DA  A 1 11 ? -7.601  1.589   10.957  1.00 0.04 ? 11 DA  A C2     1 
ATOM   337 N N3     . DA  A 1 11 ? -7.373  2.734   11.593  1.00 0.06 ? 11 DA  A N3     1 
ATOM   338 C C4     . DA  A 1 11 ? -6.685  2.533   12.733  1.00 0.08 ? 11 DA  A C4     1 
ATOM   339 H "H5'"  . DA  A 1 11 ? -2.950  6.599   14.023  1.00 0.19 ? 11 DA  A "H5'"  1 
ATOM   340 H "H5''" . DA  A 1 11 ? -3.612  7.635   15.306  1.00 0.19 ? 11 DA  A "H5''" 1 
ATOM   341 H "H4'"  . DA  A 1 11 ? -5.094  7.699   13.374  1.00 0.17 ? 11 DA  A "H4'"  1 
ATOM   342 H "H3'"  . DA  A 1 11 ? -5.871  6.954   15.989  1.00 0.17 ? 11 DA  A "H3'"  1 
ATOM   343 H "H2'"  . DA  A 1 11 ? -6.676  4.879   15.648  1.00 0.14 ? 11 DA  A "H2'"  1 
ATOM   344 H "H2''" . DA  A 1 11 ? -8.029  5.692   14.824  1.00 0.12 ? 11 DA  A "H2''" 1 
ATOM   345 H "H1'"  . DA  A 1 11 ? -7.252  5.143   12.752  1.00 0.10 ? 11 DA  A "H1'"  1 
ATOM   346 H H8     . DA  A 1 11 ? -5.205  3.307   15.448  1.00 0.15 ? 11 DA  A H8     1 
ATOM   347 H H61    . DA  A 1 11 ? -6.460  -1.845  12.301  1.00 0.06 ? 11 DA  A H61    1 
ATOM   348 H H62    . DA  A 1 11 ? -5.714  -1.188  13.736  1.00 0.09 ? 11 DA  A H62    1 
ATOM   349 H H2     . DA  A 1 11 ? -8.156  1.657   10.021  1.00 0.03 ? 11 DA  A H2     1 
ATOM   350 P P      . DT  A 1 12 ? -8.386  8.281   15.608  1.00 0.15 ? 12 DT  A P      1 
ATOM   351 O OP1    . DT  A 1 12 ? -8.844  9.655   15.298  1.00 0.16 ? 12 DT  A OP1    1 
ATOM   352 O OP2    . DT  A 1 12 ? -8.033  7.918   16.999  1.00 0.17 ? 12 DT  A OP2    1 
ATOM   353 O "O5'"  . DT  A 1 12 ? -9.500  7.245   15.083  1.00 0.12 ? 12 DT  A "O5'"  1 
ATOM   354 C "C5'"  . DT  A 1 12 ? -10.249 7.524   13.897  1.00 0.11 ? 12 DT  A "C5'"  1 
ATOM   355 C "C4'"  . DT  A 1 12 ? -11.255 6.420   13.592  1.00 0.08 ? 12 DT  A "C4'"  1 
ATOM   356 O "O4'"  . DT  A 1 12 ? -10.604 5.209   13.171  1.00 0.07 ? 12 DT  A "O4'"  1 
ATOM   357 C "C3'"  . DT  A 1 12 ? -12.090 6.083   14.814  1.00 0.09 ? 12 DT  A "C3'"  1 
ATOM   358 O "O3'"  . DT  A 1 12 ? -13.345 6.777   14.776  1.00 0.10 ? 12 DT  A "O3'"  1 
ATOM   359 C "C2'"  . DT  A 1 12 ? -12.281 4.575   14.746  1.00 0.09 ? 12 DT  A "C2'"  1 
ATOM   360 C "C1'"  . DT  A 1 12 ? -11.380 4.083   13.617  1.00 0.07 ? 12 DT  A "C1'"  1 
ATOM   361 N N1     . DT  A 1 12 ? -10.506 2.979   14.059  1.00 0.08 ? 12 DT  A N1     1 
ATOM   362 C C2     . DT  A 1 12 ? -10.576 1.785   13.365  1.00 0.07 ? 12 DT  A C2     1 
ATOM   363 O O2     . DT  A 1 12 ? -11.329 1.629   12.410  1.00 0.05 ? 12 DT  A O2     1 
ATOM   364 N N3     . DT  A 1 12 ? -9.736  0.777   13.803  1.00 0.08 ? 12 DT  A N3     1 
ATOM   365 C C4     . DT  A 1 12 ? -8.841  0.862   14.854  1.00 0.10 ? 12 DT  A C4     1 
ATOM   366 O O4     . DT  A 1 12 ? -8.143  -0.100  15.158  1.00 0.11 ? 12 DT  A O4     1 
ATOM   367 C C5     . DT  A 1 12 ? -8.859  2.145   15.519  1.00 0.11 ? 12 DT  A C5     1 
ATOM   368 C C7     . DT  A 1 12 ? -7.975  2.397   16.714  1.00 0.20 ? 12 DT  A C7     1 
ATOM   369 C C6     . DT  A 1 12 ? -9.660  3.135   15.118  1.00 0.10 ? 12 DT  A C6     1 
ATOM   370 H "H5'"  . DT  A 1 12 ? -9.563  7.623   13.056  1.00 0.11 ? 12 DT  A "H5'"  1 
ATOM   371 H "H5''" . DT  A 1 12 ? -10.785 8.465   14.030  1.00 0.11 ? 12 DT  A "H5''" 1 
ATOM   372 H "H4'"  . DT  A 1 12 ? -11.916 6.750   12.794  1.00 0.07 ? 12 DT  A "H4'"  1 
ATOM   373 H "H3'"  . DT  A 1 12 ? -11.535 6.360   15.719  1.00 0.11 ? 12 DT  A "H3'"  1 
ATOM   374 H "H2'"  . DT  A 1 12 ? -11.999 4.098   15.690  1.00 0.11 ? 12 DT  A "H2'"  1 
ATOM   375 H "H2''" . DT  A 1 12 ? -13.321 4.345   14.512  1.00 0.09 ? 12 DT  A "H2''" 1 
ATOM   376 H "H1'"  . DT  A 1 12 ? -11.998 3.737   12.792  1.00 0.05 ? 12 DT  A "H1'"  1 
ATOM   377 H H3     . DT  A 1 12 ? -9.767  -0.099  13.301  1.00 0.07 ? 12 DT  A H3     1 
ATOM   378 H H71    . DT  A 1 12 ? -7.678  1.539   17.211  1.00 0.74 ? 12 DT  A H71    1 
ATOM   379 H H72    . DT  A 1 12 ? -8.267  3.255   17.280  1.00 0.66 ? 12 DT  A H72    1 
ATOM   380 H H73    . DT  A 1 12 ? -7.225  2.638   16.445  1.00 0.90 ? 12 DT  A H73    1 
ATOM   381 H H6     . DT  A 1 12 ? -9.629  4.084   15.645  1.00 0.11 ? 12 DT  A H6     1 
ATOM   382 P P      . DG  A 1 13 ? -14.375 6.694   16.011  1.00 0.12 ? 13 DG  A P      1 
ATOM   383 O OP1    . DG  A 1 13 ? -15.066 7.999   16.123  1.00 0.13 ? 13 DG  A OP1    1 
ATOM   384 O OP2    . DG  A 1 13 ? -13.656 6.140   17.180  1.00 0.14 ? 13 DG  A OP2    1 
ATOM   385 O "O5'"  . DG  A 1 13 ? -15.444 5.601   15.508  1.00 0.12 ? 13 DG  A "O5'"  1 
ATOM   386 C "C5'"  . DG  A 1 13 ? -16.273 5.863   14.372  1.00 0.12 ? 13 DG  A "C5'"  1 
ATOM   387 C "C4'"  . DG  A 1 13 ? -16.989 4.599   13.900  1.00 0.13 ? 13 DG  A "C4'"  1 
ATOM   388 O "O4'"  . DG  A 1 13 ? -16.022 3.583   13.564  1.00 0.12 ? 13 DG  A "O4'"  1 
ATOM   389 C "C3'"  . DG  A 1 13 ? -17.880 4.056   15.021  1.00 0.16 ? 13 DG  A "C3'"  1 
ATOM   390 O "O3'"  . DG  A 1 13 ? -19.258 3.911   14.628  1.00 0.18 ? 13 DG  A "O3'"  1 
ATOM   391 C "C2'"  . DG  A 1 13 ? -17.311 2.715   15.383  1.00 0.17 ? 13 DG  A "C2'"  1 
ATOM   392 C "C1'"  . DG  A 1 13 ? -16.213 2.410   14.381  1.00 0.14 ? 13 DG  A "C1'"  1 
ATOM   393 N N9     . DG  A 1 13 ? -14.965 2.024   15.067  1.00 0.14 ? 13 DG  A N9     1 
ATOM   394 C C8     . DG  A 1 13 ? -14.334 2.605   16.119  1.00 0.14 ? 13 DG  A C8     1 
ATOM   395 N N7     . DG  A 1 13 ? -13.242 2.058   16.540  1.00 0.14 ? 13 DG  A N7     1 
ATOM   396 C C5     . DG  A 1 13 ? -13.114 0.972   15.669  1.00 0.14 ? 13 DG  A C5     1 
ATOM   397 C C6     . DG  A 1 13 ? -12.109 -0.031  15.607  1.00 0.14 ? 13 DG  A C6     1 
ATOM   398 O O6     . DG  A 1 13 ? -11.115 -0.163  16.319  1.00 0.15 ? 13 DG  A O6     1 
ATOM   399 N N1     . DG  A 1 13 ? -12.359 -0.936  14.584  1.00 0.13 ? 13 DG  A N1     1 
ATOM   400 C C2     . DG  A 1 13 ? -13.438 -0.889  13.722  1.00 0.13 ? 13 DG  A C2     1 
ATOM   401 N N2     . DG  A 1 13 ? -13.506 -1.850  12.802  1.00 0.14 ? 13 DG  A N2     1 
ATOM   402 N N3     . DG  A 1 13 ? -14.386 0.051   13.776  1.00 0.13 ? 13 DG  A N3     1 
ATOM   403 C C4     . DG  A 1 13 ? -14.165 0.945   14.765  1.00 0.13 ? 13 DG  A C4     1 
ATOM   404 H "H5'"  . DG  A 1 13 ? -15.653 6.248   13.561  1.00 0.10 ? 13 DG  A "H5'"  1 
ATOM   405 H "H5''" . DG  A 1 13 ? -17.015 6.615   14.640  1.00 0.13 ? 13 DG  A "H5''" 1 
ATOM   406 H "H4'"  . DG  A 1 13 ? -17.593 4.830   13.019  1.00 0.14 ? 13 DG  A "H4'"  1 
ATOM   407 H "H3'"  . DG  A 1 13 ? -17.811 4.722   15.888  1.00 0.17 ? 13 DG  A "H3'"  1 
ATOM   408 H "HO3'" . DG  A 1 13 ? -19.296 3.912   13.685  1.00 0.79 ? 13 DG  A "HO3'" 1 
ATOM   409 H "H2'"  . DG  A 1 13 ? -16.901 2.755   16.391  1.00 0.18 ? 13 DG  A "H2'"  1 
ATOM   410 H "H2''" . DG  A 1 13 ? -18.090 1.953   15.330  1.00 0.18 ? 13 DG  A "H2''" 1 
ATOM   411 H "H1'"  . DG  A 1 13 ? -16.533 1.586   13.741  1.00 0.15 ? 13 DG  A "H1'"  1 
ATOM   412 H H8     . DG  A 1 13 ? -14.733 3.503   16.591  1.00 0.15 ? 13 DG  A H8     1 
ATOM   413 H H1     . DG  A 1 13 ? -11.687 -1.682  14.478  1.00 0.13 ? 13 DG  A H1     1 
ATOM   414 H H21    . DG  A 1 13 ? -12.791 -2.561  12.760  1.00 0.14 ? 13 DG  A H21    1 
ATOM   415 H H22    . DG  A 1 13 ? -14.273 -1.867  12.147  1.00 0.14 ? 13 DG  A H22    1 
ATOM   416 O "O5'"  . DC  B 2 1  ? -11.630 -9.825  16.869  1.00 0.28 ? 14 DC  B "O5'"  1 
ATOM   417 C "C5'"  . DC  B 2 1  ? -12.986 -10.070 16.445  1.00 0.30 ? 14 DC  B "C5'"  1 
ATOM   418 C "C4'"  . DC  B 2 1  ? -13.451 -9.196  15.261  1.00 0.27 ? 14 DC  B "C4'"  1 
ATOM   419 O "O4'"  . DC  B 2 1  ? -13.491 -7.789  15.599  1.00 0.26 ? 14 DC  B "O4'"  1 
ATOM   420 C "C3'"  . DC  B 2 1  ? -12.539 -9.364  14.054  1.00 0.25 ? 14 DC  B "C3'"  1 
ATOM   421 O "O3'"  . DC  B 2 1  ? -13.274 -9.821  12.911  1.00 0.26 ? 14 DC  B "O3'"  1 
ATOM   422 C "C2'"  . DC  B 2 1  ? -11.971 -7.995  13.786  1.00 0.22 ? 14 DC  B "C2'"  1 
ATOM   423 C "C1'"  . DC  B 2 1  ? -12.832 -7.023  14.567  1.00 0.22 ? 14 DC  B "C1'"  1 
ATOM   424 N N1     . DC  B 2 1  ? -12.027 -5.929  15.141  1.00 0.21 ? 14 DC  B N1     1 
ATOM   425 C C2     . DC  B 2 1  ? -12.303 -4.646  14.716  1.00 0.18 ? 14 DC  B C2     1 
ATOM   426 O O2     . DC  B 2 1  ? -13.189 -4.444  13.888  1.00 0.18 ? 14 DC  B O2     1 
ATOM   427 N N3     . DC  B 2 1  ? -11.564 -3.635  15.239  1.00 0.17 ? 14 DC  B N3     1 
ATOM   428 C C4     . DC  B 2 1  ? -10.599 -3.878  16.139  1.00 0.18 ? 14 DC  B C4     1 
ATOM   429 N N4     . DC  B 2 1  ? -9.897  -2.856  16.629  1.00 0.18 ? 14 DC  B N4     1 
ATOM   430 C C5     . DC  B 2 1  ? -10.322 -5.151  16.565  1.00 0.20 ? 14 DC  B C5     1 
ATOM   431 C C6     . DC  B 2 1  ? -11.048 -6.169  16.054  1.00 0.21 ? 14 DC  B C6     1 
ATOM   432 H "H5'"  . DC  B 2 1  ? -13.651 -9.908  17.288  1.00 0.31 ? 14 DC  B "H5'"  1 
ATOM   433 H "H5''" . DC  B 2 1  ? -13.062 -11.115 16.141  1.00 0.31 ? 14 DC  B "H5''" 1 
ATOM   434 H "H4'"  . DC  B 2 1  ? -14.450 -9.517  14.981  1.00 0.29 ? 14 DC  B "H4'"  1 
ATOM   435 H "H3'"  . DC  B 2 1  ? -11.734 -10.062 14.289  1.00 0.26 ? 14 DC  B "H3'"  1 
ATOM   436 H "H2'"  . DC  B 2 1  ? -10.942 -7.944  14.136  1.00 0.21 ? 14 DC  B "H2'"  1 
ATOM   437 H "H2''" . DC  B 2 1  ? -12.018 -7.768  12.720  1.00 0.21 ? 14 DC  B "H2''" 1 
ATOM   438 H "H1'"  . DC  B 2 1  ? -13.584 -6.597  13.896  1.00 0.22 ? 14 DC  B "H1'"  1 
ATOM   439 H H41    . DC  B 2 1  ? -10.095 -1.914  16.321  1.00 0.16 ? 14 DC  B H41    1 
ATOM   440 H H42    . DC  B 2 1  ? -9.168  -3.022  17.309  1.00 0.19 ? 14 DC  B H42    1 
ATOM   441 H H5     . DC  B 2 1  ? -9.537  -5.337  17.299  1.00 0.21 ? 14 DC  B H5     1 
ATOM   442 H H6     . DC  B 2 1  ? -10.849 -7.192  16.378  1.00 0.23 ? 14 DC  B H6     1 
ATOM   443 H "HO5'" . DC  B 2 1  ? -11.467 -8.904  16.833  1.00 0.97 ? 14 DC  B "HO5'" 1 
ATOM   444 P P      . DA  B 2 2  ? -12.509 -10.190 11.540  1.00 0.25 ? 15 DA  B P      1 
ATOM   445 O OP1    . DA  B 2 2  ? -13.228 -11.314 10.897  1.00 0.27 ? 15 DA  B OP1    1 
ATOM   446 O OP2    . DA  B 2 2  ? -11.065 -10.313 11.834  1.00 0.23 ? 15 DA  B OP2    1 
ATOM   447 O "O5'"  . DA  B 2 2  ? -12.731 -8.872  10.635  1.00 0.22 ? 15 DA  B "O5'"  1 
ATOM   448 C "C5'"  . DA  B 2 2  ? -14.045 -8.433  10.282  1.00 0.23 ? 15 DA  B "C5'"  1 
ATOM   449 C "C4'"  . DA  B 2 2  ? -14.013 -7.065  9.601   1.00 0.20 ? 15 DA  B "C4'"  1 
ATOM   450 O "O4'"  . DA  B 2 2  ? -13.505 -6.043  10.498  1.00 0.18 ? 15 DA  B "O4'"  1 
ATOM   451 C "C3'"  . DA  B 2 2  ? -13.093 -7.088  8.387   1.00 0.19 ? 15 DA  B "C3'"  1 
ATOM   452 O "O3'"  . DA  B 2 2  ? -13.674 -6.335  7.318   1.00 0.19 ? 15 DA  B "O3'"  1 
ATOM   453 C "C2'"  . DA  B 2 2  ? -11.844 -6.400  8.861   1.00 0.16 ? 15 DA  B "C2'"  1 
ATOM   454 C "C1'"  . DA  B 2 2  ? -12.346 -5.426  9.899   1.00 0.15 ? 15 DA  B "C1'"  1 
ATOM   455 N N9     . DA  B 2 2  ? -11.327 -5.081  10.901  1.00 0.13 ? 15 DA  B N9     1 
ATOM   456 C C8     . DA  B 2 2  ? -10.554 -5.874  11.673  1.00 0.14 ? 15 DA  B C8     1 
ATOM   457 N N7     . DA  B 2 2  ? -9.745  -5.296  12.500  1.00 0.13 ? 15 DA  B N7     1 
ATOM   458 C C5     . DA  B 2 2  ? -10.008 -3.944  12.250  1.00 0.11 ? 15 DA  B C5     1 
ATOM   459 C C6     . DA  B 2 2  ? -9.495  -2.760  12.789  1.00 0.09 ? 15 DA  B C6     1 
ATOM   460 N N6     . DA  B 2 2  ? -8.550  -2.735  13.730  1.00 0.10 ? 15 DA  B N6     1 
ATOM   461 N N1     . DA  B 2 2  ? -9.983  -1.604  12.312  1.00 0.07 ? 15 DA  B N1     1 
ATOM   462 C C2     . DA  B 2 2  ? -10.915 -1.597  11.352  1.00 0.07 ? 15 DA  B C2     1 
ATOM   463 N N3     . DA  B 2 2  ? -11.467 -2.659  10.776  1.00 0.10 ? 15 DA  B N3     1 
ATOM   464 C C4     . DA  B 2 2  ? -10.968 -3.808  11.278  1.00 0.11 ? 15 DA  B C4     1 
ATOM   465 H "H5'"  . DA  B 2 2  ? -14.655 -8.369  11.184  1.00 0.24 ? 15 DA  B "H5'"  1 
ATOM   466 H "H5''" . DA  B 2 2  ? -14.490 -9.158  9.602   1.00 0.25 ? 15 DA  B "H5''" 1 
ATOM   467 H "H4'"  . DA  B 2 2  ? -15.020 -6.794  9.287   1.00 0.21 ? 15 DA  B "H4'"  1 
ATOM   468 H "H3'"  . DA  B 2 2  ? -12.880 -8.112  8.079   1.00 0.21 ? 15 DA  B "H3'"  1 
ATOM   469 H "H2'"  . DA  B 2 2  ? -11.163 -7.121  9.315   1.00 0.17 ? 15 DA  B "H2'"  1 
ATOM   470 H "H2''" . DA  B 2 2  ? -11.357 -5.876  8.042   1.00 0.15 ? 15 DA  B "H2''" 1 
ATOM   471 H "H1'"  . DA  B 2 2  ? -12.660 -4.516  9.391   1.00 0.14 ? 15 DA  B "H1'"  1 
ATOM   472 H H8     . DA  B 2 2  ? -10.611 -6.958  11.598  1.00 0.16 ? 15 DA  B H8     1 
ATOM   473 H H61    . DA  B 2 2  ? -8.211  -1.852  14.084  1.00 0.10 ? 15 DA  B H61    1 
ATOM   474 H H62    . DA  B 2 2  ? -8.178  -3.601  14.095  1.00 0.12 ? 15 DA  B H62    1 
ATOM   475 H H2     . DA  B 2 2  ? -11.272 -0.623  11.013  1.00 0.06 ? 15 DA  B H2     1 
ATOM   476 P P      . DT  B 2 3  ? -12.856 -6.066  5.960   1.00 0.19 ? 16 DT  B P      1 
ATOM   477 O OP1    . DT  B 2 3  ? -13.820 -6.048  4.836   1.00 0.21 ? 16 DT  B OP1    1 
ATOM   478 O OP2    . DT  B 2 3  ? -11.696 -6.984  5.923   1.00 0.18 ? 16 DT  B OP2    1 
ATOM   479 O "O5'"  . DT  B 2 3  ? -12.312 -4.564  6.182   1.00 0.16 ? 16 DT  B "O5'"  1 
ATOM   480 C "C5'"  . DT  B 2 3  ? -13.174 -3.423  6.104   1.00 0.16 ? 16 DT  B "C5'"  1 
ATOM   481 C "C4'"  . DT  B 2 3  ? -12.363 -2.154  5.861   1.00 0.13 ? 16 DT  B "C4'"  1 
ATOM   482 O "O4'"  . DT  B 2 3  ? -11.561 -1.798  7.020   1.00 0.10 ? 16 DT  B "O4'"  1 
ATOM   483 C "C3'"  . DT  B 2 3  ? -11.412 -2.373  4.697   1.00 0.14 ? 16 DT  B "C3'"  1 
ATOM   484 O "O3'"  . DT  B 2 3  ? -11.440 -1.238  3.818   1.00 0.15 ? 16 DT  B "O3'"  1 
ATOM   485 C "C2'"  . DT  B 2 3  ? -10.069 -2.528  5.361   1.00 0.12 ? 16 DT  B "C2'"  1 
ATOM   486 C "C1'"  . DT  B 2 3  ? -10.179 -1.687  6.618   1.00 0.09 ? 16 DT  B "C1'"  1 
ATOM   487 N N1     . DT  B 2 3  ? -9.277  -2.132  7.704   1.00 0.07 ? 16 DT  B N1     1 
ATOM   488 C C2     . DT  B 2 3  ? -8.673  -1.165  8.498   1.00 0.05 ? 16 DT  B C2     1 
ATOM   489 O O2     . DT  B 2 3  ? -8.825  0.038   8.301   1.00 0.05 ? 16 DT  B O2     1 
ATOM   490 N N3     . DT  B 2 3  ? -7.898  -1.641  9.547   1.00 0.04 ? 16 DT  B N3     1 
ATOM   491 C C4     . DT  B 2 3  ? -7.662  -2.966  9.853   1.00 0.05 ? 16 DT  B C4     1 
ATOM   492 O O4     . DT  B 2 3  ? -6.934  -3.268  10.800  1.00 0.06 ? 16 DT  B O4     1 
ATOM   493 C C5     . DT  B 2 3  ? -8.333  -3.883  8.955   1.00 0.07 ? 16 DT  B C5     1 
ATOM   494 C C7     . DT  B 2 3  ? -8.211  -5.387  9.159   1.00 0.09 ? 16 DT  B C7     1 
ATOM   495 C C6     . DT  B 2 3  ? -9.091  -3.454  7.942   1.00 0.08 ? 16 DT  B C6     1 
ATOM   496 H "H5'"  . DT  B 2 3  ? -13.724 -3.324  7.040   1.00 0.15 ? 16 DT  B "H5'"  1 
ATOM   497 H "H5''" . DT  B 2 3  ? -13.879 -3.560  5.286   1.00 0.18 ? 16 DT  B "H5''" 1 
ATOM   498 H "H4'"  . DT  B 2 3  ? -13.031 -1.328  5.628   1.00 0.14 ? 16 DT  B "H4'"  1 
ATOM   499 H "H3'"  . DT  B 2 3  ? -11.677 -3.286  4.161   1.00 0.16 ? 16 DT  B "H3'"  1 
ATOM   500 H "H2'"  . DT  B 2 3  ? -9.910  -3.574  5.621   1.00 0.12 ? 16 DT  B "H2'"  1 
ATOM   501 H "H2''" . DT  B 2 3  ? -9.276  -2.180  4.720   1.00 0.12 ? 16 DT  B "H2''" 1 
ATOM   502 H "H1'"  . DT  B 2 3  ? -9.974  -0.648  6.377   1.00 0.09 ? 16 DT  B "H1'"  1 
ATOM   503 H H3     . DT  B 2 3  ? -7.427  -0.954  10.120  1.00 0.03 ? 16 DT  B H3     1 
ATOM   504 H H71    . DT  B 2 3  ? -7.599  -5.703  8.706   1.00 0.87 ? 16 DT  B H71    1 
ATOM   505 H H72    . DT  B 2 3  ? -9.012  -5.896  8.713   1.00 0.82 ? 16 DT  B H72    1 
ATOM   506 H H73    . DT  B 2 3  ? -7.882  -5.641  10.129  1.00 0.84 ? 16 DT  B H73    1 
ATOM   507 H H6     . DT  B 2 3  ? -9.581  -4.174  7.301   1.00 0.10 ? 16 DT  B H6     1 
ATOM   508 P P      . DG  B 2 4  ? -10.626 -1.222  2.429   1.00 0.17 ? 17 DG  B P      1 
ATOM   509 O OP1    . DG  B 2 4  ? -11.597 -1.383  1.323   1.00 0.19 ? 17 DG  B OP1    1 
ATOM   510 O OP2    . DG  B 2 4  ? -9.482  -2.153  2.546   1.00 0.16 ? 17 DG  B OP2    1 
ATOM   511 O "O5'"  . DG  B 2 4  ? -10.047 0.283   2.376   1.00 0.16 ? 17 DG  B "O5'"  1 
ATOM   512 C "C5'"  . DG  B 2 4  ? -10.926 1.417   2.393   1.00 0.16 ? 17 DG  B "C5'"  1 
ATOM   513 C "C4'"  . DG  B 2 4  ? -10.172 2.690   2.780   1.00 0.16 ? 17 DG  B "C4'"  1 
ATOM   514 O "O4'"  . DG  B 2 4  ? -9.587  2.541   4.096   1.00 0.13 ? 17 DG  B "O4'"  1 
ATOM   515 C "C3'"  . DG  B 2 4  ? -9.026  2.934   1.808   1.00 0.18 ? 17 DG  B "C3'"  1 
ATOM   516 O "O3'"  . DG  B 2 4  ? -8.783  4.330   1.615   1.00 0.18 ? 17 DG  B "O3'"  1 
ATOM   517 C "C2'"  . DG  B 2 4  ? -7.840  2.350   2.501   1.00 0.17 ? 17 DG  B "C2'"  1 
ATOM   518 C "C1'"  . DG  B 2 4  ? -8.148  2.506   3.974   1.00 0.14 ? 17 DG  B "C1'"  1 
ATOM   519 N N9     . DG  B 2 4  ? -7.551  1.417   4.754   1.00 0.12 ? 17 DG  B N9     1 
ATOM   520 C C8     . DG  B 2 4  ? -7.626  0.079   4.572   1.00 0.12 ? 17 DG  B C8     1 
ATOM   521 N N7     . DG  B 2 4  ? -6.987  -0.673  5.395   1.00 0.10 ? 17 DG  B N7     1 
ATOM   522 C C5     . DG  B 2 4  ? -6.404  0.270   6.242   1.00 0.09 ? 17 DG  B C5     1 
ATOM   523 C C6     . DG  B 2 4  ? -5.570  0.072   7.360   1.00 0.08 ? 17 DG  B C6     1 
ATOM   524 O O6     . DG  B 2 4  ? -5.185  -0.990  7.829   1.00 0.07 ? 17 DG  B O6     1 
ATOM   525 N N1     . DG  B 2 4  ? -5.195  1.278   7.940   1.00 0.09 ? 17 DG  B N1     1 
ATOM   526 C C2     . DG  B 2 4  ? -5.578  2.527   7.496   1.00 0.10 ? 17 DG  B C2     1 
ATOM   527 N N2     . DG  B 2 4  ? -5.111  3.569   8.187   1.00 0.12 ? 17 DG  B N2     1 
ATOM   528 N N3     . DG  B 2 4  ? -6.369  2.721   6.435   1.00 0.11 ? 17 DG  B N3     1 
ATOM   529 C C4     . DG  B 2 4  ? -6.744  1.554   5.858   1.00 0.11 ? 17 DG  B C4     1 
ATOM   530 H "H5'"  . DG  B 2 4  ? -11.724 1.241   3.114   1.00 0.15 ? 17 DG  B "H5'"  1 
ATOM   531 H "H5''" . DG  B 2 4  ? -11.361 1.547   1.401   1.00 0.19 ? 17 DG  B "H5''" 1 
ATOM   532 H "H4'"  . DG  B 2 4  ? -10.852 3.540   2.776   1.00 0.16 ? 17 DG  B "H4'"  1 
ATOM   533 H "H3'"  . DG  B 2 4  ? -9.207  2.430   0.857   1.00 0.19 ? 17 DG  B "H3'"  1 
ATOM   534 H "H2'"  . DG  B 2 4  ? -7.736  1.295   2.245   1.00 0.18 ? 17 DG  B "H2'"  1 
ATOM   535 H "H2''" . DG  B 2 4  ? -6.941  2.899   2.236   1.00 0.19 ? 17 DG  B "H2''" 1 
ATOM   536 H "H1'"  . DG  B 2 4  ? -7.741  3.457   4.321   1.00 0.14 ? 17 DG  B "H1'"  1 
ATOM   537 H H8     . DG  B 2 4  ? -8.203  -0.346  3.757   1.00 0.13 ? 17 DG  B H8     1 
ATOM   538 H H1     . DG  B 2 4  ? -4.599  1.214   8.754   1.00 0.09 ? 17 DG  B H1     1 
ATOM   539 H H21    . DG  B 2 4  ? -4.515  3.418   8.988   1.00 0.12 ? 17 DG  B H21    1 
ATOM   540 H H22    . DG  B 2 4  ? -5.355  4.509   7.908   1.00 0.13 ? 17 DG  B H22    1 
ATOM   541 P P      . DC  B 2 5  ? -7.641  4.807   0.584   1.00 0.19 ? 18 DC  B P      1 
ATOM   542 O OP1    . DC  B 2 5  ? -8.086  6.070   -0.046  1.00 0.20 ? 18 DC  B OP1    1 
ATOM   543 O OP2    . DC  B 2 5  ? -7.265  3.653   -0.264  1.00 0.19 ? 18 DC  B OP2    1 
ATOM   544 O "O5'"  . DC  B 2 5  ? -6.398  5.142   1.563   1.00 0.18 ? 18 DC  B "O5'"  1 
ATOM   545 C "C5'"  . DC  B 2 5  ? -6.491  6.147   2.577   1.00 0.19 ? 18 DC  B "C5'"  1 
ATOM   546 C "C4'"  . DC  B 2 5  ? -5.171  6.308   3.340   1.00 0.19 ? 18 DC  B "C4'"  1 
ATOM   547 O "O4'"  . DC  B 2 5  ? -4.888  5.183   4.205   1.00 0.18 ? 18 DC  B "O4'"  1 
ATOM   548 C "C3'"  . DC  B 2 5  ? -3.998  6.463   2.381   1.00 0.18 ? 18 DC  B "C3'"  1 
ATOM   549 O "O3'"  . DC  B 2 5  ? -3.180  7.583   2.709   1.00 0.18 ? 18 DC  B "O3'"  1 
ATOM   550 C "C2'"  . DC  B 2 5  ? -3.192  5.192   2.583   1.00 0.16 ? 18 DC  B "C2'"  1 
ATOM   551 C "C1'"  . DC  B 2 5  ? -3.520  4.783   4.006   1.00 0.17 ? 18 DC  B "C1'"  1 
ATOM   552 N N1     . DC  B 2 5  ? -3.352  3.335   4.271   1.00 0.16 ? 18 DC  B N1     1 
ATOM   553 C C2     . DC  B 2 5  ? -2.493  2.964   5.290   1.00 0.15 ? 18 DC  B C2     1 
ATOM   554 O O2     . DC  B 2 5  ? -1.876  3.814   5.927   1.00 0.15 ? 18 DC  B O2     1 
ATOM   555 N N3     . DC  B 2 5  ? -2.365  1.638   5.559   1.00 0.15 ? 18 DC  B N3     1 
ATOM   556 C C4     . DC  B 2 5  ? -3.051  0.720   4.859   1.00 0.15 ? 18 DC  B C4     1 
ATOM   557 N N4     . DC  B 2 5  ? -2.896  -0.574  5.158   1.00 0.14 ? 18 DC  B N4     1 
ATOM   558 C C5     . DC  B 2 5  ? -3.903  1.084   3.849   1.00 0.15 ? 18 DC  B C5     1 
ATOM   559 C C6     . DC  B 2 5  ? -4.041  2.400   3.567   1.00 0.16 ? 18 DC  B C6     1 
ATOM   560 H "H5'"  . DC  B 2 5  ? -7.276  5.871   3.280   1.00 0.20 ? 18 DC  B "H5'"  1 
ATOM   561 H "H5''" . DC  B 2 5  ? -6.748  7.099   2.112   1.00 0.20 ? 18 DC  B "H5''" 1 
ATOM   562 H "H4'"  . DC  B 2 5  ? -5.229  7.203   3.956   1.00 0.20 ? 18 DC  B "H4'"  1 
ATOM   563 H "H3'"  . DC  B 2 5  ? -4.357  6.527   1.350   1.00 0.18 ? 18 DC  B "H3'"  1 
ATOM   564 H "H2'"  . DC  B 2 5  ? -3.481  4.419   1.872   1.00 0.16 ? 18 DC  B "H2'"  1 
ATOM   565 H "H2''" . DC  B 2 5  ? -2.122  5.405   2.498   1.00 0.16 ? 18 DC  B "H2''" 1 
ATOM   566 H "H1'"  . DC  B 2 5  ? -2.892  5.354   4.689   1.00 0.17 ? 18 DC  B "H1'"  1 
ATOM   567 H H41    . DC  B 2 5  ? -2.266  -0.853  5.896   1.00 0.14 ? 18 DC  B H41    1 
ATOM   568 H H42    . DC  B 2 5  ? -3.405  -1.276  4.644   1.00 0.14 ? 18 DC  B H42    1 
ATOM   569 H H5     . DC  B 2 5  ? -4.457  0.332   3.287   1.00 0.15 ? 18 DC  B H5     1 
ATOM   570 H H6     . DC  B 2 5  ? -4.711  2.716   2.773   1.00 0.17 ? 18 DC  B H6     1 
ATOM   571 P P      . DC  B 2 6  ? -1.977  7.956   1.720   1.00 0.17 ? 19 DC  B P      1 
ATOM   572 O OP1    . DC  B 2 6  ? -1.820  9.428   1.723   1.00 0.18 ? 19 DC  B OP1    1 
ATOM   573 O OP2    . DC  B 2 6  ? -2.189  7.243   0.440   1.00 0.16 ? 19 DC  B OP2    1 
ATOM   574 O "O5'"  . DC  B 2 6  ? -0.703  7.313   2.447   1.00 0.16 ? 19 DC  B "O5'"  1 
ATOM   575 C "C5'"  . DC  B 2 6  ? -0.003  7.912   3.535   1.00 0.17 ? 19 DC  B "C5'"  1 
ATOM   576 C "C4'"  . DC  B 2 6  ? 1.372   7.272   3.579   1.00 0.16 ? 19 DC  B "C4'"  1 
ATOM   577 O "O4'"  . DC  B 2 6  ? 1.250   5.869   3.941   1.00 0.15 ? 19 DC  B "O4'"  1 
ATOM   578 C "C3'"  . DC  B 2 6  ? 1.930   7.346   2.158   1.00 0.15 ? 19 DC  B "C3'"  1 
ATOM   579 O "O3'"  . DC  B 2 6  ? 3.344   7.569   2.085   1.00 0.15 ? 19 DC  B "O3'"  1 
ATOM   580 C "C2'"  . DC  B 2 6  ? 1.658   5.971   1.623   1.00 0.14 ? 19 DC  B "C2'"  1 
ATOM   581 C "C1'"  . DC  B 2 6  ? 1.711   5.073   2.837   1.00 0.14 ? 19 DC  B "C1'"  1 
ATOM   582 N N1     . DC  B 2 6  ? 0.950   3.803   2.669   1.00 0.13 ? 19 DC  B N1     1 
ATOM   583 C C2     . DC  B 2 6  ? 1.372   2.739   3.442   1.00 0.13 ? 19 DC  B C2     1 
ATOM   584 O O2     . DC  B 2 6  ? 2.309   2.878   4.225   1.00 0.14 ? 19 DC  B O2     1 
ATOM   585 N N3     . DC  B 2 6  ? 0.731   1.552   3.303   1.00 0.13 ? 19 DC  B N3     1 
ATOM   586 C C4     . DC  B 2 6  ? -0.287  1.411   2.442   1.00 0.12 ? 19 DC  B C4     1 
ATOM   587 N N4     . DC  B 2 6  ? -0.892  0.224   2.348   1.00 0.12 ? 19 DC  B N4     1 
ATOM   588 C C5     . DC  B 2 6  ? -0.720  2.455   1.667   1.00 0.13 ? 19 DC  B C5     1 
ATOM   589 C C6     . DC  B 2 6  ? -0.092  3.653   1.788   1.00 0.13 ? 19 DC  B C6     1 
ATOM   590 H "H5'"  . DC  B 2 6  ? -0.534  7.721   4.468   1.00 0.18 ? 19 DC  B "H5'"  1 
ATOM   591 H "H5''" . DC  B 2 6  ? 0.090   8.986   3.373   1.00 0.18 ? 19 DC  B "H5''" 1 
ATOM   592 H "H4'"  . DC  B 2 6  ? 2.022   7.796   4.280   1.00 0.17 ? 19 DC  B "H4'"  1 
ATOM   593 H "H3'"  . DC  B 2 6  ? 1.387   8.094   1.576   1.00 0.15 ? 19 DC  B "H3'"  1 
ATOM   594 H "H2'"  . DC  B 2 6  ? 0.676   5.939   1.158   1.00 0.14 ? 19 DC  B "H2'"  1 
ATOM   595 H "H2''" . DC  B 2 6  ? 2.426   5.686   0.921   1.00 0.13 ? 19 DC  B "H2''" 1 
ATOM   596 H "H1'"  . DC  B 2 6  ? 2.756   4.822   3.022   1.00 0.14 ? 19 DC  B "H1'"  1 
ATOM   597 H H41    . DC  B 2 6  ? -0.579  -0.550  2.918   1.00 0.12 ? 19 DC  B H41    1 
ATOM   598 H H42    . DC  B 2 6  ? -1.662  0.099   1.707   1.00 0.12 ? 19 DC  B H42    1 
ATOM   599 H H5     . DC  B 2 6  ? -1.549  2.324   0.971   1.00 0.13 ? 19 DC  B H5     1 
ATOM   600 H H6     . DC  B 2 6  ? -0.420  4.493   1.173   1.00 0.13 ? 19 DC  B H6     1 
ATOM   601 P P      . DG  B 2 7  ? 4.007   7.792   0.622   1.00 0.14 ? 20 DG  B P      1 
ATOM   602 O OP1    . DG  B 2 7  ? 5.120   8.757   0.776   1.00 0.15 ? 20 DG  B OP1    1 
ATOM   603 O OP2    . DG  B 2 7  ? 2.916   8.088   -0.332  1.00 0.14 ? 20 DG  B OP2    1 
ATOM   604 O "O5'"  . DG  B 2 7  ? 4.650   6.366   0.213   1.00 0.13 ? 20 DG  B "O5'"  1 
ATOM   605 C "C5'"  . DG  B 2 7  ? 5.480   5.615   1.094   1.00 0.13 ? 20 DG  B "C5'"  1 
ATOM   606 C "C4'"  . DG  B 2 7  ? 6.338   4.604   0.319   1.00 0.12 ? 20 DG  B "C4'"  1 
ATOM   607 O "O4'"  . DG  B 2 7  ? 5.529   3.581   -0.350  1.00 0.11 ? 20 DG  B "O4'"  1 
ATOM   608 C "C3'"  . DG  B 2 7  ? 7.135   5.313   -0.770  1.00 0.11 ? 20 DG  B "C3'"  1 
ATOM   609 O "O3'"  . DG  B 2 7  ? 8.489   4.836   -0.787  1.00 0.11 ? 20 DG  B "O3'"  1 
ATOM   610 C "C2'"  . DG  B 2 7  ? 6.423   4.953   -2.052  1.00 0.10 ? 20 DG  B "C2'"  1 
ATOM   611 C "C1'"  . DG  B 2 7  ? 5.812   3.599   -1.781  1.00 0.09 ? 20 DG  B "C1'"  1 
ATOM   612 N N9     . DG  B 2 7  ? 4.597   3.351   -2.603  1.00 0.09 ? 20 DG  B N9     1 
ATOM   613 C C8     . DG  B 2 7  ? 3.515   4.139   -2.832  1.00 0.09 ? 20 DG  B C8     1 
ATOM   614 N N7     . DG  B 2 7  ? 2.581   3.672   -3.588  1.00 0.08 ? 20 DG  B N7     1 
ATOM   615 C C5     . DG  B 2 7  ? 3.082   2.415   -3.921  1.00 0.08 ? 20 DG  B C5     1 
ATOM   616 C C6     . DG  B 2 7  ? 2.512   1.406   -4.737  1.00 0.08 ? 20 DG  B C6     1 
ATOM   617 O O6     . DG  B 2 7  ? 1.440   1.432   -5.334  1.00 0.08 ? 20 DG  B O6     1 
ATOM   618 N N1     . DG  B 2 7  ? 3.333   0.287   -4.820  1.00 0.07 ? 20 DG  B N1     1 
ATOM   619 C C2     . DG  B 2 7  ? 4.560   0.152   -4.197  1.00 0.08 ? 20 DG  B C2     1 
ATOM   620 N N2     . DG  B 2 7  ? 5.208   -1.003  -4.394  1.00 0.07 ? 20 DG  B N2     1 
ATOM   621 N N3     . DG  B 2 7  ? 5.104   1.104   -3.423  1.00 0.08 ? 20 DG  B N3     1 
ATOM   622 C C4     . DG  B 2 7  ? 4.316   2.204   -3.327  1.00 0.08 ? 20 DG  B C4     1 
ATOM   623 H "H5'"  . DG  B 2 7  ? 4.853   5.081   1.807   1.00 0.13 ? 20 DG  B "H5'"  1 
ATOM   624 H "H5''" . DG  B 2 7  ? 6.135   6.297   1.635   1.00 0.13 ? 20 DG  B "H5''" 1 
ATOM   625 H "H4'"  . DG  B 2 7  ? 7.027   4.123   1.021   1.00 0.12 ? 20 DG  B "H4'"  1 
ATOM   626 H "H3'"  . DG  B 2 7  ? 7.108   6.393   -0.613  1.00 0.12 ? 20 DG  B "H3'"  1 
ATOM   627 H "H2'"  . DG  B 2 7  ? 5.638   5.682   -2.261  1.00 0.10 ? 20 DG  B "H2'"  1 
ATOM   628 H "H2''" . DG  B 2 7  ? 7.125   4.904   -2.879  1.00 0.09 ? 20 DG  B "H2''" 1 
ATOM   629 H "H1'"  . DG  B 2 7  ? 6.554   2.826   -2.014  1.00 0.09 ? 20 DG  B "H1'"  1 
ATOM   630 H H8     . DG  B 2 7  ? 3.438   5.130   -2.403  1.00 0.09 ? 20 DG  B H8     1 
ATOM   631 H H1     . DG  B 2 7  ? 2.988   -0.474  -5.388  1.00 0.07 ? 20 DG  B H1     1 
ATOM   632 H H21    . DG  B 2 7  ? 4.802   -1.724  -4.977  1.00 0.07 ? 20 DG  B H21    1 
ATOM   633 H H22    . DG  B 2 7  ? 6.106   -1.157  -3.958  1.00 0.08 ? 20 DG  B H22    1 
ATOM   634 P P      . DC  B 2 8  ? 9.459   5.105   -2.045  1.00 0.11 ? 21 DC  B P      1 
ATOM   635 O OP1    . DC  B 2 8  ? 10.838  5.278   -1.534  1.00 0.12 ? 21 DC  B OP1    1 
ATOM   636 O OP2    . DC  B 2 8  ? 8.851   6.154   -2.894  1.00 0.10 ? 21 DC  B OP2    1 
ATOM   637 O "O5'"  . DC  B 2 8  ? 9.394   3.703   -2.840  1.00 0.10 ? 21 DC  B "O5'"  1 
ATOM   638 C "C5'"  . DC  B 2 8  ? 9.512   2.466   -2.134  1.00 0.10 ? 21 DC  B "C5'"  1 
ATOM   639 C "C4'"  . DC  B 2 8  ? 9.470   1.261   -3.071  1.00 0.09 ? 21 DC  B "C4'"  1 
ATOM   640 O "O4'"  . DC  B 2 8  ? 8.171   1.121   -3.715  1.00 0.08 ? 21 DC  B "O4'"  1 
ATOM   641 C "C3'"  . DC  B 2 8  ? 10.510  1.390   -4.177  1.00 0.09 ? 21 DC  B "C3'"  1 
ATOM   642 O "O3'"  . DC  B 2 8  ? 11.255  0.170   -4.314  1.00 0.09 ? 21 DC  B "O3'"  1 
ATOM   643 C "C2'"  . DC  B 2 8  ? 9.699   1.682   -5.412  1.00 0.08 ? 21 DC  B "C2'"  1 
ATOM   644 C "C1'"  . DC  B 2 8  ? 8.364   1.025   -5.144  1.00 0.07 ? 21 DC  B "C1'"  1 
ATOM   645 N N1     . DC  B 2 8  ? 7.258   1.662   -5.899  1.00 0.06 ? 21 DC  B N1     1 
ATOM   646 C C2     . DC  B 2 8  ? 6.494   0.850   -6.715  1.00 0.05 ? 21 DC  B C2     1 
ATOM   647 O O2     . DC  B 2 8  ? 6.738   -0.350  -6.804  1.00 0.05 ? 21 DC  B O2     1 
ATOM   648 N N3     . DC  B 2 8  ? 5.472   1.421   -7.404  1.00 0.04 ? 21 DC  B N3     1 
ATOM   649 C C4     . DC  B 2 8  ? 5.214   2.733   -7.295  1.00 0.04 ? 21 DC  B C4     1 
ATOM   650 N N4     . DC  B 2 8  ? 4.201   3.252   -7.993  1.00 0.04 ? 21 DC  B N4     1 
ATOM   651 C C5     . DC  B 2 8  ? 5.968   3.546   -6.489  1.00 0.05 ? 21 DC  B C5     1 
ATOM   652 C C6     . DC  B 2 8  ? 6.991   2.992   -5.795  1.00 0.06 ? 21 DC  B C6     1 
ATOM   653 H "H5'"  . DC  B 2 8  ? 8.696   2.387   -1.415  1.00 0.11 ? 21 DC  B "H5'"  1 
ATOM   654 H "H5''" . DC  B 2 8  ? 10.460  2.458   -1.594  1.00 0.11 ? 21 DC  B "H5''" 1 
ATOM   655 H "H4'"  . DC  B 2 8  ? 9.674   0.358   -2.497  1.00 0.10 ? 21 DC  B "H4'"  1 
ATOM   656 H "H3'"  . DC  B 2 8  ? 11.179  2.227   -3.964  1.00 0.10 ? 21 DC  B "H3'"  1 
ATOM   657 H "H2'"  . DC  B 2 8  ? 9.574   2.759   -5.534  1.00 0.07 ? 21 DC  B "H2'"  1 
ATOM   658 H "H2''" . DC  B 2 8  ? 10.172  1.249   -6.293  1.00 0.07 ? 21 DC  B "H2''" 1 
ATOM   659 H "H1'"  . DC  B 2 8  ? 8.427   -0.028  -5.421  1.00 0.07 ? 21 DC  B "H1'"  1 
ATOM   660 H H41    . DC  B 2 8  ? 3.640   2.660   -8.590  1.00 0.04 ? 21 DC  B H41    1 
ATOM   661 H H42    . DC  B 2 8  ? 3.993   4.238   -7.925  1.00 0.04 ? 21 DC  B H42    1 
ATOM   662 H H5     . DC  B 2 8  ? 5.750   4.610   -6.409  1.00 0.05 ? 21 DC  B H5     1 
ATOM   663 H H6     . DC  B 2 8  ? 7.603   3.616   -5.149  1.00 0.07 ? 21 DC  B H6     1 
ATOM   664 P P      . DG  B 2 9  ? 12.502  0.062   -5.328  1.00 0.10 ? 22 DG  B P      1 
ATOM   665 O OP1    . DG  B 2 9  ? 13.598  -0.659  -4.639  1.00 0.11 ? 22 DG  B OP1    1 
ATOM   666 O OP2    . DG  B 2 9  ? 12.752  1.402   -5.904  1.00 0.10 ? 22 DG  B OP2    1 
ATOM   667 O "O5'"  . DG  B 2 9  ? 11.931  -0.890  -6.496  1.00 0.09 ? 22 DG  B "O5'"  1 
ATOM   668 C "C5'"  . DG  B 2 9  ? 11.844  -2.308  -6.314  1.00 0.09 ? 22 DG  B "C5'"  1 
ATOM   669 C "C4'"  . DG  B 2 9  ? 11.435  -3.009  -7.608  1.00 0.08 ? 22 DG  B "C4'"  1 
ATOM   670 O "O4'"  . DG  B 2 9  ? 10.163  -2.500  -8.075  1.00 0.07 ? 22 DG  B "O4'"  1 
ATOM   671 C "C3'"  . DG  B 2 9  ? 12.454  -2.742  -8.706  1.00 0.09 ? 22 DG  B "C3'"  1 
ATOM   672 O "O3'"  . DG  B 2 9  ? 12.697  -3.923  -9.477  1.00 0.10 ? 22 DG  B "O3'"  1 
ATOM   673 C "C2'"  . DG  B 2 9  ? 11.805  -1.691  -9.564  1.00 0.08 ? 22 DG  B "C2'"  1 
ATOM   674 C "C1'"  . DG  B 2 9  ? 10.325  -1.941  -9.398  1.00 0.07 ? 22 DG  B "C1'"  1 
ATOM   675 N N9     . DG  B 2 9  ? 9.541   -0.701  -9.522  1.00 0.06 ? 22 DG  B N9     1 
ATOM   676 C C8     . DG  B 2 9  ? 9.670   0.470   -8.854  1.00 0.06 ? 22 DG  B C8     1 
ATOM   677 N N7     . DG  B 2 9  ? 8.828   1.410   -9.124  1.00 0.05 ? 22 DG  B N7     1 
ATOM   678 C C5     . DG  B 2 9  ? 8.028   0.804   -10.097 1.00 0.04 ? 22 DG  B C5     1 
ATOM   679 C C6     . DG  B 2 9  ? 6.911   1.318   -10.804 1.00 0.04 ? 22 DG  B C6     1 
ATOM   680 O O6     . DG  B 2 9  ? 6.399   2.433   -10.717 1.00 0.04 ? 22 DG  B O6     1 
ATOM   681 N N1     . DG  B 2 9  ? 6.394   0.380   -11.691 1.00 0.04 ? 22 DG  B N1     1 
ATOM   682 C C2     . DG  B 2 9  ? 6.891   -0.895  -11.879 1.00 0.04 ? 22 DG  B C2     1 
ATOM   683 N N2     . DG  B 2 9  ? 6.258   -1.651  -12.775 1.00 0.05 ? 22 DG  B N2     1 
ATOM   684 N N3     . DG  B 2 9  ? 7.941   -1.386  -11.215 1.00 0.04 ? 22 DG  B N3     1 
ATOM   685 C C4     . DG  B 2 9  ? 8.460   -0.490  -10.345 1.00 0.05 ? 22 DG  B C4     1 
ATOM   686 H "H5'"  . DG  B 2 9  ? 11.104  -2.524  -5.543  1.00 0.09 ? 22 DG  B "H5'"  1 
ATOM   687 H "H5''" . DG  B 2 9  ? 12.814  -2.688  -5.993  1.00 0.10 ? 22 DG  B "H5''" 1 
ATOM   688 H "H4'"  . DG  B 2 9  ? 11.354  -4.081  -7.435  1.00 0.09 ? 22 DG  B "H4'"  1 
ATOM   689 H "H3'"  . DG  B 2 9  ? 13.383  -2.360  -8.278  1.00 0.10 ? 22 DG  B "H3'"  1 
ATOM   690 H "H2'"  . DG  B 2 9  ? 12.068  -0.692  -9.216  1.00 0.08 ? 22 DG  B "H2'"  1 
ATOM   691 H "H2''" . DG  B 2 9  ? 12.097  -1.823  -10.602 1.00 0.08 ? 22 DG  B "H2''" 1 
ATOM   692 H "H1'"  . DG  B 2 9  ? 9.992   -2.661  -10.147 1.00 0.07 ? 22 DG  B "H1'"  1 
ATOM   693 H H8     . DG  B 2 9  ? 10.456  0.610   -8.113  1.00 0.07 ? 22 DG  B H8     1 
ATOM   694 H H1     . DG  B 2 9  ? 5.597   0.678   -12.236 1.00 0.04 ? 22 DG  B H1     1 
ATOM   695 H H21    . DG  B 2 9  ? 5.464   -1.282  -13.278 1.00 0.05 ? 22 DG  B H21    1 
ATOM   696 H H22    . DG  B 2 9  ? 6.573   -2.594  -12.952 1.00 0.05 ? 22 DG  B H22    1 
ATOM   697 P P      . DA  B 2 10 ? 13.825  -3.931  -10.622 1.00 0.11 ? 23 DA  B P      1 
ATOM   698 O OP1    . DA  B 2 10 ? 14.433  -5.281  -10.665 1.00 0.12 ? 23 DA  B OP1    1 
ATOM   699 O OP2    . DA  B 2 10 ? 14.683  -2.740  -10.442 1.00 0.11 ? 23 DA  B OP2    1 
ATOM   700 O "O5'"  . DA  B 2 10 ? 12.954  -3.728  -11.963 1.00 0.10 ? 23 DA  B "O5'"  1 
ATOM   701 C "C5'"  . DA  B 2 10 ? 12.217  -4.806  -12.548 1.00 0.10 ? 23 DA  B "C5'"  1 
ATOM   702 C "C4'"  . DA  B 2 10 ? 11.795  -4.463  -13.974 1.00 0.10 ? 23 DA  B "C4'"  1 
ATOM   703 O "O4'"  . DA  B 2 10 ? 10.796  -3.405  -13.982 1.00 0.09 ? 23 DA  B "O4'"  1 
ATOM   704 C "C3'"  . DA  B 2 10 ? 12.997  -3.959  -14.760 1.00 0.12 ? 23 DA  B "C3'"  1 
ATOM   705 O "O3'"  . DA  B 2 10 ? 13.044  -4.541  -16.070 1.00 0.13 ? 23 DA  B "O3'"  1 
ATOM   706 C "C2'"  . DA  B 2 10 ? 12.789  -2.470  -14.822 1.00 0.11 ? 23 DA  B "C2'"  1 
ATOM   707 C "C1'"  . DA  B 2 10 ? 11.290  -2.286  -14.755 1.00 0.10 ? 23 DA  B "C1'"  1 
ATOM   708 N N9     . DA  B 2 10 ? 10.946  -0.996  -14.123 1.00 0.09 ? 23 DA  B N9     1 
ATOM   709 C C8     . DA  B 2 10 ? 11.575  -0.346  -13.118 1.00 0.09 ? 23 DA  B C8     1 
ATOM   710 N N7     . DA  B 2 10 ? 11.083  0.784   -12.734 1.00 0.08 ? 23 DA  B N7     1 
ATOM   711 C C5     . DA  B 2 10 ? 9.983   0.918   -13.587 1.00 0.08 ? 23 DA  B C5     1 
ATOM   712 C C6     . DA  B 2 10 ? 9.007   1.912   -13.720 1.00 0.07 ? 23 DA  B C6     1 
ATOM   713 N N6     . DA  B 2 10 ? 8.981   3.007   -12.960 1.00 0.07 ? 23 DA  B N6     1 
ATOM   714 N N1     . DA  B 2 10 ? 8.064   1.733   -14.661 1.00 0.08 ? 23 DA  B N1     1 
ATOM   715 C C2     . DA  B 2 10 ? 8.079   0.639   -15.430 1.00 0.08 ? 23 DA  B C2     1 
ATOM   716 N N3     . DA  B 2 10 ? 8.957   -0.364  -15.389 1.00 0.08 ? 23 DA  B N3     1 
ATOM   717 C C4     . DA  B 2 10 ? 9.890   -0.161  -14.437 1.00 0.08 ? 23 DA  B C4     1 
ATOM   718 H "H5'"  . DA  B 2 10 ? 11.329  -5.003  -11.947 1.00 0.09 ? 23 DA  B "H5'"  1 
ATOM   719 H "H5''" . DA  B 2 10 ? 12.843  -5.698  -12.565 1.00 0.12 ? 23 DA  B "H5''" 1 
ATOM   720 H "H4'"  . DA  B 2 10 ? 11.387  -5.350  -14.457 1.00 0.11 ? 23 DA  B "H4'"  1 
ATOM   721 H "H3'"  . DA  B 2 10 ? 13.915  -4.180  -14.212 1.00 0.13 ? 23 DA  B "H3'"  1 
ATOM   722 H "H2'"  . DA  B 2 10 ? 13.265  -1.991  -13.966 1.00 0.12 ? 23 DA  B "H2'"  1 
ATOM   723 H "H2''" . DA  B 2 10 ? 13.183  -2.063  -15.749 1.00 0.12 ? 23 DA  B "H2''" 1 
ATOM   724 H "H1'"  . DA  B 2 10 ? 10.871  -2.325  -15.761 1.00 0.10 ? 23 DA  B "H1'"  1 
ATOM   725 H H8     . DA  B 2 10 ? 12.466  -0.762  -12.654 1.00 0.10 ? 23 DA  B H8     1 
ATOM   726 H H61    . DA  B 2 10 ? 8.257   3.699   -13.092 1.00 0.07 ? 23 DA  B H61    1 
ATOM   727 H H62    . DA  B 2 10 ? 9.687   3.144   -12.250 1.00 0.08 ? 23 DA  B H62    1 
ATOM   728 H H2     . DA  B 2 10 ? 7.287   0.557   -16.174 1.00 0.08 ? 23 DA  B H2     1 
ATOM   729 P P      . DT  B 2 11 ? 14.292  -4.256  -17.052 1.00 0.15 ? 24 DT  B P      1 
ATOM   730 O OP1    . DT  B 2 11 ? 14.550  -5.482  -17.838 1.00 0.16 ? 24 DT  B OP1    1 
ATOM   731 O OP2    . DT  B 2 11 ? 15.381  -3.652  -16.252 1.00 0.17 ? 24 DT  B OP2    1 
ATOM   732 O "O5'"  . DT  B 2 11 ? 13.720  -3.127  -18.050 1.00 0.15 ? 24 DT  B "O5'"  1 
ATOM   733 C "C5'"  . DT  B 2 11 ? 12.881  -3.489  -19.152 1.00 0.15 ? 24 DT  B "C5'"  1 
ATOM   734 C "C4'"  . DT  B 2 11 ? 12.290  -2.257  -19.844 1.00 0.15 ? 24 DT  B "C4'"  1 
ATOM   735 O "O4'"  . DT  B 2 11 ? 11.451  -1.514  -18.933 1.00 0.14 ? 24 DT  B "O4'"  1 
ATOM   736 C "C3'"  . DT  B 2 11 ? 13.371  -1.286  -20.339 1.00 0.17 ? 24 DT  B "C3'"  1 
ATOM   737 O "O3'"  . DT  B 2 11 ? 13.585  -1.297  -21.749 1.00 0.18 ? 24 DT  B "O3'"  1 
ATOM   738 C "C2'"  . DT  B 2 11 ? 12.849  0.058   -20.041 1.00 0.17 ? 24 DT  B "C2'"  1 
ATOM   739 C "C1'"  . DT  B 2 11 ? 11.629  -0.105  -19.172 1.00 0.15 ? 24 DT  B "C1'"  1 
ATOM   740 N N1     . DT  B 2 11 ? 11.792  0.650   -17.921 1.00 0.14 ? 24 DT  B N1     1 
ATOM   741 C C2     . DT  B 2 11 ? 10.846  1.609   -17.641 1.00 0.14 ? 24 DT  B C2     1 
ATOM   742 O O2     . DT  B 2 11 ? 9.904   1.838   -18.393 1.00 0.14 ? 24 DT  B O2     1 
ATOM   743 N N3     . DT  B 2 11 ? 11.018  2.300   -16.457 1.00 0.13 ? 24 DT  B N3     1 
ATOM   744 C C4     . DT  B 2 11 ? 12.041  2.120   -15.542 1.00 0.13 ? 24 DT  B C4     1 
ATOM   745 O O4     . DT  B 2 11 ? 12.097  2.795   -14.523 1.00 0.13 ? 24 DT  B O4     1 
ATOM   746 C C5     . DT  B 2 11 ? 12.979  1.097   -15.931 1.00 0.14 ? 24 DT  B C5     1 
ATOM   747 C C7     . DT  B 2 11 ? 14.174  0.773   -15.041 1.00 0.14 ? 24 DT  B C7     1 
ATOM   748 C C6     . DT  B 2 11 ? 12.840  0.408   -17.072 1.00 0.14 ? 24 DT  B C6     1 
ATOM   749 H "H5'"  . DT  B 2 11 ? 12.066  -4.116  -18.785 1.00 0.14 ? 24 DT  B "H5'"  1 
ATOM   750 H "H5''" . DT  B 2 11 ? 13.467  -4.058  -19.874 1.00 0.16 ? 24 DT  B "H5''" 1 
ATOM   751 H "H4'"  . DT  B 2 11 ? 11.686  -2.566  -20.689 1.00 0.15 ? 24 DT  B "H4'"  1 
ATOM   752 H "H3'"  . DT  B 2 11 ? 14.303  -1.456  -19.800 1.00 0.17 ? 24 DT  B "H3'"  1 
ATOM   753 H "HO3'" . DT  B 2 11 ? 13.777  -2.163  -22.011 1.00 0.96 ? 24 DT  B "HO3'" 1 
ATOM   754 H "H2'"  . DT  B 2 11 ? 13.607  0.647   -19.544 1.00 0.18 ? 24 DT  B "H2'"  1 
ATOM   755 H "H2''" . DT  B 2 11 ? 12.567  0.531   -20.983 1.00 0.18 ? 24 DT  B "H2''" 1 
ATOM   756 H "H1'"  . DT  B 2 11 ? 10.759  0.273   -19.704 1.00 0.15 ? 24 DT  B "H1'"  1 
ATOM   757 H H3     . DT  B 2 11 ? 10.332  3.005   -16.239 1.00 0.13 ? 24 DT  B H3     1 
ATOM   758 H H71    . DT  B 2 11 ? 13.929  0.597   -14.187 1.00 0.86 ? 24 DT  B H71    1 
ATOM   759 H H72    . DT  B 2 11 ? 14.642  1.521   -14.810 1.00 0.86 ? 24 DT  B H72    1 
ATOM   760 H H73    . DT  B 2 11 ? 14.801  -0.027  -15.486 1.00 0.93 ? 24 DT  B H73    1 
ATOM   761 H H6     . DT  B 2 11 ? 13.578  -0.358  -17.330 1.00 0.15 ? 24 DT  B H6     1 
# 
